data_8XYD
#
_entry.id   8XYD
#
loop_
_entity.id
_entity.type
_entity.pdbx_description
1 polymer 'Platelet-activating factor receptor'
2 polymer 'Guanine nucleotide-binding protein G(I)/G(S)/G(T) subunit beta-1'
3 polymer 'Guanine nucleotide-binding protein G(I)/G(S)/G(O) subunit gamma-2'
4 polymer 'Guanine nucleotide-binding protein G(i) subunit alpha-1'
5 polymer scFv16
6 non-polymer '(2R)-2-(acetyloxy)-3-(hexadecyloxy)propyl 2-(trimethylammonio)ethyl phosphate'
#
loop_
_entity_poly.entity_id
_entity_poly.type
_entity_poly.pdbx_seq_one_letter_code
_entity_poly.pdbx_strand_id
1 'polypeptide(L)'
;MEPHDSSHMDSEFRYTLFPIVYSIIFVLGVIANGYVLWVFARLYPCKKFNEIKIFMVNLTMADMLFLITLPLWIVYYQNQ
GNWILPKFLCNVAGCLFFINTYCSVAFLGVITYNRFQAVTRPIKTAQANTRKRGISLSLVIWVAIVGAASYFLILDSTNT
VPDSAGSGNVTRCFEHYEKGSVPVLIIHIFIVFSFFLVFLIILFCNLVIIRTLLMQPVQQQRNAEVKRRALWMVCTVLAV
FIICFVPHHVVQLPWTLAELGFQDSKFHQAINDAHQVTLCLLSTNCVLDPVIYCFLTKKFRKHLTEKFYSMRSSRKCSRA
TTDTVTEVVVPFNQIPGNSLKN
;
A
2 'polypeptide(L)'
;GSLLQSELDQLRQEAEQLKNQIRDARKACADATLSQITNNIDPVGRIQMRTRRTLRGHLAKIYAMHWGTDSRLLVSASQD
GKLIIWDSYTTNKVHAIPLRSSWVMTCAYAPSGNYVACGGLDNICSIYNLKTREGNVRVSRELAGHTGYLSCCRFLDDNQ
IVTSSGDTTCALWDIETGQQTTTFTGHTGDVMSLSLAPDTRLFVSGACDASAKLWDVREGMCRQTFTGHESDINAICFFP
NGNAFATGSDDATCRLFDLRADQELMTYSHDNIICGITSVSFSKSGRLLLAGYDDFNCNVWDALKADRAGVLAGHDNRVS
CLGVTDDGMAVATGSWDSFLKIWN
;
B
3 'polypeptide(L)' MASNNTASIAQARKLVEQLKMEANIDRIKVSKAAADLMAYCEAHAKEDPLLTPVPASENPFREKKFFC C
4 'polypeptide(L)'
;GCTLSAEDKAAVERSKMIDRNLREDGEKAAREVKLLLLGAGESGKSTIVKQMKIIHEAGYSEEECKQYKAVVYSNTIQSI
IAIIRAMGRLKIDFGDSARADDARQLFVLAGAAEEGFMTAELAGVIKRLWKDSGVQACFNRSREYQLNDSAAYYLNDLDR
IAQPNYIPTQQDVLRTRVKTTGIVETHFTFKDLHFKMFDVGAQRSERKKWIHCFEGVTAIIFCVALSDYDLVLAEDEEMN
RMHESMKLFDSICNNKWFTDTSIILFLNKKDLFEEKIKKSPLTICYPEYAGSNTYEEAAAYIQCQFEDLNKRKDTKEIYT
HFTCSTDTKNVQFVFDAVTDVIIKNNLKDCGLF
;
D
5 'polypeptide(L)'
;VQLVESGGGLVQPGGSRKLSCSASGFAFSSFGMHWVRQAPEKGLEWVAYISSGSGTIYYADTVKGRFTISRDDPKNTLFL
QMTSLRSEDTAMYYCVRSIYYYGSSPFDFWGQGTTLTVSAGGGGSGGGGSGGGGSADIVMTQATSSVPVTPGESVSISCR
SSKSLLHSNGNTYLYWFLQRPGQSPQLLIYRMSNLASGVPDRFSGSGSGTAFTLTISRLEAEDVGVYYCMQHLEYPLTFG
AGTKLEL
;
E
#
# COMPACT_ATOMS: atom_id res chain seq x y z
N SER A 7 6.78 51.93 -33.08
CA SER A 7 5.49 52.05 -33.76
C SER A 7 4.75 53.27 -33.29
N HIS A 8 3.83 53.78 -34.09
CA HIS A 8 3.16 55.04 -33.73
C HIS A 8 1.77 54.83 -33.15
N MET A 9 1.12 53.75 -33.52
CA MET A 9 -0.23 53.51 -33.04
C MET A 9 -0.21 53.13 -31.58
N ASP A 10 -0.68 54.03 -30.74
CA ASP A 10 -0.66 53.78 -29.31
C ASP A 10 -2.00 54.13 -28.71
N SER A 11 -2.74 53.13 -28.26
CA SER A 11 -4.00 53.39 -27.61
C SER A 11 -3.72 53.88 -26.20
N GLU A 12 -4.33 54.99 -25.81
CA GLU A 12 -4.06 55.51 -24.48
C GLU A 12 -4.88 54.84 -23.39
N PHE A 13 -6.02 54.24 -23.72
CA PHE A 13 -6.83 53.59 -22.70
C PHE A 13 -6.16 52.36 -22.12
N ARG A 14 -5.09 51.88 -22.76
CA ARG A 14 -4.40 50.69 -22.25
C ARG A 14 -3.61 50.95 -20.97
N TYR A 15 -3.11 52.17 -20.80
CA TYR A 15 -2.40 52.53 -19.58
C TYR A 15 -3.32 52.61 -18.37
N THR A 16 -4.60 52.94 -18.60
CA THR A 16 -5.56 53.05 -17.49
C THR A 16 -6.39 51.78 -17.32
N LEU A 17 -6.47 50.93 -18.34
CA LEU A 17 -7.28 49.72 -18.24
C LEU A 17 -6.47 48.55 -17.68
N PHE A 18 -5.26 48.35 -18.20
CA PHE A 18 -4.51 47.16 -17.83
C PHE A 18 -4.10 47.12 -16.37
N PRO A 19 -3.73 48.23 -15.70
CA PRO A 19 -3.21 48.12 -14.33
C PRO A 19 -4.15 47.42 -13.35
N ILE A 20 -5.36 47.96 -13.17
CA ILE A 20 -6.26 47.44 -12.15
C ILE A 20 -6.77 46.05 -12.53
N VAL A 21 -7.09 45.85 -13.81
CA VAL A 21 -7.55 44.54 -14.26
C VAL A 21 -6.48 43.49 -14.00
N TYR A 22 -5.25 43.81 -14.39
CA TYR A 22 -4.14 42.88 -14.18
C TYR A 22 -3.90 42.62 -12.69
N SER A 23 -4.03 43.66 -11.85
CA SER A 23 -3.80 43.48 -10.42
C SER A 23 -4.84 42.53 -9.82
N ILE A 24 -6.12 42.75 -10.14
CA ILE A 24 -7.16 41.86 -9.65
C ILE A 24 -6.94 40.44 -10.18
N ILE A 25 -6.56 40.32 -11.45
CA ILE A 25 -6.30 39.02 -12.03
C ILE A 25 -5.14 38.34 -11.33
N PHE A 26 -4.07 39.09 -11.04
CA PHE A 26 -2.95 38.54 -10.32
C PHE A 26 -3.38 37.99 -8.96
N VAL A 27 -4.11 38.79 -8.20
CA VAL A 27 -4.56 38.35 -6.88
C VAL A 27 -5.38 37.07 -6.98
N LEU A 28 -6.42 37.10 -7.82
CA LEU A 28 -7.31 35.94 -7.91
C LEU A 28 -6.56 34.71 -8.39
N GLY A 29 -5.75 34.86 -9.44
CA GLY A 29 -5.06 33.72 -10.00
C GLY A 29 -4.01 33.14 -9.07
N VAL A 30 -3.29 34.00 -8.35
CA VAL A 30 -2.27 33.49 -7.44
C VAL A 30 -2.93 32.77 -6.27
N ILE A 31 -4.05 33.30 -5.76
CA ILE A 31 -4.78 32.59 -4.72
C ILE A 31 -5.24 31.23 -5.23
N ALA A 32 -5.81 31.20 -6.43
CA ALA A 32 -6.33 29.94 -6.98
C ALA A 32 -5.21 28.94 -7.20
N ASN A 33 -4.07 29.39 -7.73
CA ASN A 33 -2.96 28.49 -8.01
C ASN A 33 -2.34 27.98 -6.72
N GLY A 34 -2.23 28.84 -5.69
CA GLY A 34 -1.78 28.37 -4.40
C GLY A 34 -2.69 27.29 -3.84
N TYR A 35 -4.01 27.51 -3.91
CA TYR A 35 -4.94 26.50 -3.43
C TYR A 35 -4.80 25.20 -4.21
N VAL A 36 -4.67 25.30 -5.54
CA VAL A 36 -4.58 24.10 -6.37
C VAL A 36 -3.31 23.33 -6.05
N LEU A 37 -2.19 24.03 -5.90
CA LEU A 37 -0.95 23.36 -5.56
C LEU A 37 -1.02 22.72 -4.18
N TRP A 38 -1.61 23.43 -3.22
CA TRP A 38 -1.82 22.86 -1.89
C TRP A 38 -2.58 21.55 -1.97
N VAL A 39 -3.70 21.55 -2.71
CA VAL A 39 -4.52 20.35 -2.81
C VAL A 39 -3.78 19.23 -3.52
N PHE A 40 -3.12 19.55 -4.64
CA PHE A 40 -2.41 18.52 -5.39
C PHE A 40 -1.24 17.94 -4.60
N ALA A 41 -0.66 18.73 -3.68
CA ALA A 41 0.48 18.25 -2.92
C ALA A 41 0.04 17.42 -1.71
N ARG A 42 -1.07 17.81 -1.08
CA ARG A 42 -1.53 17.13 0.13
C ARG A 42 -2.64 16.11 -0.12
N LEU A 43 -3.03 15.88 -1.37
CA LEU A 43 -4.07 14.92 -1.71
C LEU A 43 -3.57 13.77 -2.59
N TYR A 44 -2.83 14.08 -3.65
CA TYR A 44 -2.38 13.08 -4.60
C TYR A 44 -0.93 12.72 -4.33
N PRO A 45 -0.63 11.57 -3.72
CA PRO A 45 0.76 11.14 -3.56
C PRO A 45 1.29 10.57 -4.86
N CYS A 46 2.54 10.06 -4.80
CA CYS A 46 3.16 9.49 -5.99
C CYS A 46 2.26 8.43 -6.64
N LYS A 47 1.47 7.73 -5.82
CA LYS A 47 0.61 6.68 -6.35
C LYS A 47 -0.52 7.26 -7.20
N LYS A 48 -0.92 8.50 -6.91
CA LYS A 48 -2.09 9.08 -7.54
C LYS A 48 -1.74 10.20 -8.52
N PHE A 49 -0.66 10.02 -9.29
CA PHE A 49 -0.24 10.98 -10.31
C PHE A 49 -0.37 10.31 -11.68
N ASN A 50 -1.37 10.73 -12.45
CA ASN A 50 -1.58 10.25 -13.80
C ASN A 50 -1.20 11.32 -14.81
N GLU A 51 -1.23 10.95 -16.09
CA GLU A 51 -0.86 11.90 -17.14
C GLU A 51 -1.75 13.13 -17.10
N ILE A 52 -3.06 12.95 -16.89
CA ILE A 52 -3.96 14.09 -16.80
C ILE A 52 -3.57 14.97 -15.63
N LYS A 53 -3.28 14.36 -14.47
CA LYS A 53 -2.88 15.14 -13.31
C LYS A 53 -1.53 15.82 -13.52
N ILE A 54 -0.61 15.16 -14.23
CA ILE A 54 0.68 15.79 -14.54
C ILE A 54 0.45 17.04 -15.41
N PHE A 55 -0.36 16.90 -16.46
CA PHE A 55 -0.66 18.05 -17.30
C PHE A 55 -1.35 19.15 -16.51
N MET A 56 -2.22 18.78 -15.56
CA MET A 56 -2.93 19.79 -14.79
C MET A 56 -1.99 20.54 -13.85
N VAL A 57 -1.06 19.82 -13.21
CA VAL A 57 -0.11 20.51 -12.34
C VAL A 57 0.85 21.37 -13.15
N ASN A 58 1.21 20.92 -14.36
CA ASN A 58 2.04 21.77 -15.21
C ASN A 58 1.28 23.02 -15.64
N LEU A 59 -0.01 22.89 -15.93
CA LEU A 59 -0.84 24.05 -16.23
C LEU A 59 -0.88 25.01 -15.04
N THR A 60 -1.03 24.46 -13.84
CA THR A 60 -1.03 25.31 -12.64
C THR A 60 0.29 26.05 -12.49
N MET A 61 1.41 25.36 -12.73
CA MET A 61 2.72 26.00 -12.62
C MET A 61 2.87 27.10 -13.67
N ALA A 62 2.39 26.83 -14.89
CA ALA A 62 2.46 27.80 -15.97
C ALA A 62 1.66 29.03 -15.62
N ASP A 63 0.42 28.83 -15.19
CA ASP A 63 -0.41 29.95 -14.80
C ASP A 63 0.24 30.71 -13.66
N MET A 64 0.80 29.99 -12.70
CA MET A 64 1.48 30.63 -11.58
C MET A 64 2.62 31.52 -12.07
N LEU A 65 3.44 31.01 -12.98
CA LEU A 65 4.55 31.78 -13.51
C LEU A 65 4.04 33.01 -14.25
N PHE A 66 2.98 32.84 -15.04
CA PHE A 66 2.37 33.95 -15.75
C PHE A 66 1.98 35.04 -14.77
N LEU A 67 1.36 34.65 -13.67
CA LEU A 67 0.97 35.63 -12.66
C LEU A 67 2.19 36.30 -12.04
N ILE A 68 3.19 35.53 -11.65
CA ILE A 68 4.40 36.10 -11.05
C ILE A 68 4.97 37.15 -11.98
N THR A 69 4.79 36.96 -13.29
CA THR A 69 5.32 37.89 -14.27
C THR A 69 4.43 39.11 -14.45
N LEU A 70 3.12 38.97 -14.23
CA LEU A 70 2.19 40.07 -14.45
C LEU A 70 2.61 41.38 -13.82
N PRO A 71 3.00 41.44 -12.54
CA PRO A 71 3.35 42.75 -11.94
C PRO A 71 4.37 43.54 -12.73
N LEU A 72 5.32 42.86 -13.39
CA LEU A 72 6.32 43.58 -14.17
C LEU A 72 5.67 44.38 -15.30
N TRP A 73 4.55 43.89 -15.83
CA TRP A 73 3.82 44.63 -16.84
C TRP A 73 2.81 45.58 -16.23
N ILE A 74 2.27 45.24 -15.04
CA ILE A 74 1.39 46.16 -14.34
C ILE A 74 2.09 47.48 -14.09
N VAL A 75 3.32 47.42 -13.54
CA VAL A 75 4.08 48.63 -13.29
C VAL A 75 4.42 49.35 -14.59
N TYR A 76 4.76 48.59 -15.64
CA TYR A 76 5.07 49.19 -16.92
C TYR A 76 3.90 50.02 -17.44
N TYR A 77 2.70 49.44 -17.43
CA TYR A 77 1.52 50.18 -17.89
C TYR A 77 1.13 51.29 -16.94
N GLN A 78 1.45 51.16 -15.65
CA GLN A 78 1.20 52.26 -14.72
C GLN A 78 2.17 53.41 -14.94
N ASN A 79 3.32 53.16 -15.55
CA ASN A 79 4.32 54.19 -15.84
C ASN A 79 4.14 54.74 -17.26
N GLN A 80 2.89 54.75 -17.74
CA GLN A 80 2.56 55.28 -19.07
C GLN A 80 3.35 54.57 -20.16
N GLY A 81 3.47 53.25 -20.03
CA GLY A 81 4.17 52.47 -21.03
C GLY A 81 5.65 52.75 -21.13
N ASN A 82 6.26 53.27 -20.06
CA ASN A 82 7.68 53.57 -20.03
C ASN A 82 8.38 52.56 -19.11
N TRP A 83 9.41 51.91 -19.64
CA TRP A 83 10.13 50.88 -18.90
C TRP A 83 11.31 51.51 -18.18
N ILE A 84 11.37 51.29 -16.86
CA ILE A 84 12.45 51.83 -16.04
C ILE A 84 13.38 50.74 -15.51
N LEU A 85 12.85 49.55 -15.22
CA LEU A 85 13.66 48.43 -14.73
C LEU A 85 14.74 48.09 -15.75
N PRO A 86 15.73 47.25 -15.39
CA PRO A 86 16.80 46.93 -16.34
C PRO A 86 16.28 46.46 -17.69
N LYS A 87 17.13 46.51 -18.71
CA LYS A 87 16.72 46.21 -20.08
C LYS A 87 16.57 44.71 -20.32
N PHE A 88 17.25 43.87 -19.55
CA PHE A 88 17.15 42.42 -19.73
C PHE A 88 15.92 41.84 -19.06
N LEU A 89 15.50 42.40 -17.92
CA LEU A 89 14.27 41.94 -17.28
C LEU A 89 13.07 42.15 -18.19
N CYS A 90 13.10 43.19 -19.04
CA CYS A 90 12.04 43.39 -20.00
C CYS A 90 11.87 42.16 -20.89
N ASN A 91 12.96 41.73 -21.54
CA ASN A 91 12.89 40.56 -22.39
C ASN A 91 12.53 39.31 -21.59
N VAL A 92 13.07 39.20 -20.37
CA VAL A 92 12.75 38.05 -19.54
C VAL A 92 11.25 37.95 -19.33
N ALA A 93 10.61 39.04 -18.91
CA ALA A 93 9.18 39.02 -18.65
C ALA A 93 8.38 38.82 -19.94
N GLY A 94 8.80 39.48 -21.02
CA GLY A 94 8.09 39.32 -22.28
C GLY A 94 8.10 37.89 -22.78
N CYS A 95 9.20 37.18 -22.53
CA CYS A 95 9.28 35.78 -22.95
C CYS A 95 8.51 34.88 -21.98
N LEU A 96 8.59 35.17 -20.68
CA LEU A 96 7.85 34.39 -19.69
C LEU A 96 6.35 34.44 -19.99
N PHE A 97 5.85 35.64 -20.29
CA PHE A 97 4.44 35.83 -20.61
C PHE A 97 3.97 34.90 -21.71
N PHE A 98 4.68 34.89 -22.84
CA PHE A 98 4.27 34.10 -23.99
C PHE A 98 4.48 32.61 -23.76
N ILE A 99 5.62 32.22 -23.20
CA ILE A 99 5.85 30.79 -22.99
C ILE A 99 4.82 30.22 -22.04
N ASN A 100 4.51 30.94 -20.96
CA ASN A 100 3.49 30.48 -20.03
C ASN A 100 2.15 30.33 -20.73
N THR A 101 1.71 31.36 -21.45
CA THR A 101 0.39 31.29 -22.09
C THR A 101 0.33 30.16 -23.08
N TYR A 102 1.33 30.04 -23.94
CA TYR A 102 1.27 29.02 -24.98
C TYR A 102 1.52 27.60 -24.51
N CYS A 103 2.20 27.43 -23.38
CA CYS A 103 2.34 26.08 -22.85
C CYS A 103 1.04 25.74 -22.18
N SER A 104 0.45 26.70 -21.47
CA SER A 104 -0.86 26.44 -20.88
C SER A 104 -1.86 26.01 -21.95
N VAL A 105 -1.84 26.66 -23.11
CA VAL A 105 -2.73 26.28 -24.20
C VAL A 105 -2.43 24.85 -24.63
N ALA A 106 -1.15 24.50 -24.77
CA ALA A 106 -0.79 23.16 -25.20
C ALA A 106 -1.21 22.12 -24.16
N PHE A 107 -1.04 22.43 -22.88
CA PHE A 107 -1.45 21.49 -21.83
C PHE A 107 -2.96 21.29 -21.83
N LEU A 108 -3.72 22.38 -22.00
CA LEU A 108 -5.17 22.23 -22.13
C LEU A 108 -5.53 21.37 -23.33
N GLY A 109 -4.83 21.56 -24.45
CA GLY A 109 -5.12 20.76 -25.63
C GLY A 109 -4.86 19.28 -25.41
N VAL A 110 -3.71 18.94 -24.82
CA VAL A 110 -3.41 17.54 -24.58
C VAL A 110 -4.35 16.96 -23.53
N ILE A 111 -4.80 17.76 -22.56
CA ILE A 111 -5.77 17.27 -21.59
C ILE A 111 -7.10 16.96 -22.27
N THR A 112 -7.54 17.84 -23.17
CA THR A 112 -8.77 17.56 -23.91
C THR A 112 -8.61 16.32 -24.79
N TYR A 113 -7.43 16.12 -25.36
CA TYR A 113 -7.19 14.94 -26.17
C TYR A 113 -7.24 13.67 -25.31
N ASN A 114 -6.68 13.73 -24.10
CA ASN A 114 -6.76 12.58 -23.20
C ASN A 114 -8.20 12.30 -22.79
N ARG A 115 -8.97 13.36 -22.51
CA ARG A 115 -10.39 13.16 -22.20
C ARG A 115 -11.12 12.53 -23.37
N PHE A 116 -10.81 12.97 -24.59
CA PHE A 116 -11.41 12.36 -25.78
C PHE A 116 -11.09 10.88 -25.86
N GLN A 117 -9.80 10.53 -25.69
CA GLN A 117 -9.41 9.13 -25.75
C GLN A 117 -10.12 8.31 -24.68
N ALA A 118 -10.26 8.87 -23.48
CA ALA A 118 -10.88 8.13 -22.38
C ALA A 118 -12.38 7.94 -22.61
N VAL A 119 -13.05 8.96 -23.14
CA VAL A 119 -14.49 8.86 -23.36
C VAL A 119 -14.79 7.93 -24.52
N THR A 120 -14.04 8.05 -25.61
CA THR A 120 -14.27 7.19 -26.77
C THR A 120 -13.82 5.77 -26.48
N ARG A 121 -12.58 5.61 -26.02
CA ARG A 121 -12.03 4.29 -25.71
C ARG A 121 -11.79 4.16 -24.21
N PRO A 122 -12.82 3.80 -23.43
CA PRO A 122 -12.60 3.70 -21.98
C PRO A 122 -11.76 2.50 -21.58
N ILE A 123 -11.97 1.34 -22.22
CA ILE A 123 -11.24 0.14 -21.83
C ILE A 123 -9.76 0.30 -22.16
N LYS A 124 -9.46 0.76 -23.38
CA LYS A 124 -8.07 0.91 -23.81
C LYS A 124 -7.31 1.98 -23.03
N THR A 125 -8.02 2.82 -22.28
CA THR A 125 -7.37 3.88 -21.50
C THR A 125 -7.31 3.57 -20.01
N ALA A 126 -8.28 2.82 -19.48
CA ALA A 126 -8.28 2.48 -18.06
C ALA A 126 -7.25 1.41 -17.70
N GLN A 127 -6.77 0.65 -18.69
CA GLN A 127 -5.82 -0.43 -18.47
C GLN A 127 -4.45 -0.11 -19.04
N ALA A 128 -4.01 1.15 -18.93
CA ALA A 128 -2.72 1.57 -19.46
C ALA A 128 -2.11 2.61 -18.53
N ASN A 129 -0.78 2.62 -18.48
CA ASN A 129 -0.02 3.59 -17.71
C ASN A 129 0.40 4.74 -18.62
N THR A 130 0.15 5.97 -18.19
CA THR A 130 0.38 7.15 -19.01
C THR A 130 1.41 8.11 -18.41
N ARG A 131 2.01 7.76 -17.27
CA ARG A 131 2.99 8.65 -16.66
C ARG A 131 4.15 8.93 -17.61
N LYS A 132 4.67 7.88 -18.24
CA LYS A 132 5.84 8.05 -19.12
C LYS A 132 5.53 9.00 -20.27
N ARG A 133 4.43 8.76 -20.99
CA ARG A 133 4.09 9.62 -22.12
C ARG A 133 3.77 11.04 -21.65
N GLY A 134 3.09 11.17 -20.51
CA GLY A 134 2.80 12.50 -19.99
C GLY A 134 4.06 13.29 -19.71
N ILE A 135 5.00 12.69 -18.97
CA ILE A 135 6.25 13.38 -18.67
C ILE A 135 7.01 13.70 -19.95
N SER A 136 7.04 12.75 -20.90
CA SER A 136 7.76 12.98 -22.14
C SER A 136 7.19 14.17 -22.89
N LEU A 137 5.87 14.19 -23.08
CA LEU A 137 5.25 15.30 -23.81
C LEU A 137 5.44 16.62 -23.08
N SER A 138 5.30 16.61 -21.75
CA SER A 138 5.49 17.84 -20.99
C SER A 138 6.89 18.39 -21.20
N LEU A 139 7.91 17.55 -21.02
CA LEU A 139 9.29 18.00 -21.18
C LEU A 139 9.55 18.47 -22.60
N VAL A 140 9.01 17.75 -23.59
CA VAL A 140 9.23 18.14 -24.99
C VAL A 140 8.63 19.51 -25.26
N ILE A 141 7.39 19.73 -24.82
CA ILE A 141 6.74 21.01 -25.06
C ILE A 141 7.50 22.13 -24.35
N TRP A 142 7.89 21.90 -23.10
CA TRP A 142 8.64 22.93 -22.36
C TRP A 142 9.93 23.28 -23.07
N VAL A 143 10.70 22.26 -23.47
CA VAL A 143 11.99 22.52 -24.12
C VAL A 143 11.78 23.24 -25.44
N ALA A 144 10.77 22.84 -26.22
CA ALA A 144 10.53 23.49 -27.50
C ALA A 144 10.15 24.95 -27.31
N ILE A 145 9.26 25.23 -26.36
CA ILE A 145 8.83 26.61 -26.13
C ILE A 145 10.01 27.45 -25.63
N VAL A 146 10.83 26.89 -24.74
CA VAL A 146 11.98 27.65 -24.22
C VAL A 146 12.97 27.94 -25.34
N GLY A 147 13.20 26.96 -26.22
CA GLY A 147 14.10 27.19 -27.34
C GLY A 147 13.57 28.23 -28.30
N ALA A 148 12.26 28.22 -28.55
CA ALA A 148 11.65 29.22 -29.42
C ALA A 148 11.75 30.61 -28.80
N ALA A 149 11.60 30.71 -27.47
CA ALA A 149 11.66 31.99 -26.81
C ALA A 149 13.08 32.50 -26.60
N SER A 150 14.08 31.62 -26.62
CA SER A 150 15.46 32.05 -26.38
C SER A 150 15.92 33.06 -27.43
N TYR A 151 15.49 32.88 -28.67
CA TYR A 151 15.92 33.79 -29.74
C TYR A 151 15.49 35.22 -29.44
N PHE A 152 14.23 35.42 -29.05
CA PHE A 152 13.74 36.74 -28.67
C PHE A 152 14.23 37.16 -27.30
N LEU A 153 14.71 36.22 -26.48
CA LEU A 153 15.36 36.55 -25.22
C LEU A 153 16.72 37.20 -25.44
N ILE A 154 17.49 36.70 -26.41
CA ILE A 154 18.77 37.31 -26.73
C ILE A 154 18.63 38.50 -27.69
N LEU A 155 17.53 38.55 -28.45
CA LEU A 155 17.33 39.64 -29.39
C LEU A 155 16.87 40.89 -28.67
N ASP A 156 17.45 42.04 -29.02
CA ASP A 156 17.05 43.31 -28.44
C ASP A 156 15.64 43.66 -28.87
N SER A 157 14.75 43.84 -27.89
CA SER A 157 13.35 44.14 -28.15
C SER A 157 12.94 45.55 -27.74
N THR A 158 13.86 46.34 -27.19
CA THR A 158 13.55 47.69 -26.75
C THR A 158 13.76 48.68 -27.89
N ASN A 159 12.92 49.71 -27.94
CA ASN A 159 12.98 50.73 -28.96
C ASN A 159 12.67 52.08 -28.35
N THR A 160 13.41 53.10 -28.77
CA THR A 160 13.23 54.46 -28.27
C THR A 160 12.24 55.18 -29.18
N VAL A 161 11.00 55.28 -28.73
CA VAL A 161 9.92 55.94 -29.47
C VAL A 161 9.80 57.37 -28.93
N PRO A 162 9.90 58.40 -29.76
CA PRO A 162 9.72 59.77 -29.25
C PRO A 162 8.32 59.99 -28.70
N ASP A 163 8.19 61.08 -27.96
CA ASP A 163 6.90 61.46 -27.38
C ASP A 163 6.85 62.98 -27.27
N SER A 164 5.64 63.50 -27.10
CA SER A 164 5.42 64.95 -27.02
C SER A 164 5.88 65.48 -25.66
N ALA A 165 7.19 65.51 -25.48
CA ALA A 165 7.79 66.02 -24.26
C ALA A 165 9.27 66.30 -24.51
N GLY A 166 9.88 67.02 -23.57
CA GLY A 166 11.30 67.31 -23.68
C GLY A 166 12.19 66.10 -23.60
N SER A 167 11.71 65.02 -22.99
CA SER A 167 12.44 63.75 -22.88
C SER A 167 11.53 62.60 -23.27
N GLY A 168 10.85 62.75 -24.40
CA GLY A 168 9.88 61.77 -24.84
C GLY A 168 10.47 60.52 -25.46
N ASN A 169 11.75 60.27 -25.22
CA ASN A 169 12.39 59.07 -25.73
C ASN A 169 11.96 57.86 -24.90
N VAL A 170 10.68 57.49 -25.00
CA VAL A 170 10.15 56.39 -24.21
C VAL A 170 10.76 55.08 -24.70
N THR A 171 11.32 54.31 -23.77
CA THR A 171 11.93 53.02 -24.10
C THR A 171 10.85 51.95 -24.00
N ARG A 172 10.23 51.64 -25.12
CA ARG A 172 9.21 50.60 -25.14
C ARG A 172 9.83 49.24 -24.82
N CYS A 173 9.00 48.34 -24.30
CA CYS A 173 9.46 47.02 -23.88
C CYS A 173 8.64 45.96 -24.61
N PHE A 174 9.32 45.16 -25.44
CA PHE A 174 8.65 44.04 -26.15
C PHE A 174 7.43 44.44 -26.97
N GLU A 175 7.29 45.72 -27.26
CA GLU A 175 6.16 46.18 -28.05
C GLU A 175 6.57 47.34 -28.93
N HIS A 176 5.63 47.91 -29.67
CA HIS A 176 5.91 49.06 -30.51
C HIS A 176 7.24 48.98 -31.25
N TYR A 177 7.38 47.98 -32.09
CA TYR A 177 8.62 47.80 -32.84
C TYR A 177 8.68 48.77 -34.01
N GLU A 178 9.88 48.99 -34.55
CA GLU A 178 10.05 49.87 -35.69
C GLU A 178 9.69 49.13 -36.96
N LYS A 179 10.05 49.71 -38.11
CA LYS A 179 9.71 49.16 -39.42
C LYS A 179 9.90 47.65 -39.42
N GLY A 180 9.18 46.95 -40.31
CA GLY A 180 9.03 45.51 -40.26
C GLY A 180 10.25 44.70 -39.88
N SER A 181 10.04 43.67 -39.08
CA SER A 181 11.09 42.74 -38.66
C SER A 181 10.59 41.34 -39.01
N VAL A 182 11.28 40.69 -39.94
CA VAL A 182 10.90 39.36 -40.42
C VAL A 182 10.74 38.39 -39.26
N PRO A 183 11.67 38.35 -38.29
CA PRO A 183 11.52 37.37 -37.20
C PRO A 183 10.21 37.49 -36.43
N VAL A 184 9.80 38.72 -36.12
CA VAL A 184 8.57 38.92 -35.36
C VAL A 184 7.36 38.41 -36.12
N LEU A 185 7.32 38.73 -37.42
CA LEU A 185 6.24 38.24 -38.25
C LEU A 185 6.28 36.73 -38.25
N ILE A 186 7.47 36.16 -38.43
CA ILE A 186 7.59 34.70 -38.50
C ILE A 186 7.04 34.04 -37.24
N ILE A 187 7.47 34.51 -36.08
CA ILE A 187 7.00 33.91 -34.83
C ILE A 187 5.51 34.14 -34.63
N HIS A 188 5.01 35.31 -35.00
CA HIS A 188 3.59 35.60 -34.84
C HIS A 188 2.81 34.64 -35.70
N ILE A 189 3.17 34.55 -36.98
CA ILE A 189 2.50 33.62 -37.88
C ILE A 189 2.57 32.21 -37.30
N PHE A 190 3.75 31.81 -36.83
CA PHE A 190 3.92 30.46 -36.30
C PHE A 190 2.90 30.22 -35.19
N ILE A 191 2.84 31.11 -34.22
CA ILE A 191 1.92 30.97 -33.11
C ILE A 191 0.49 30.87 -33.61
N VAL A 192 0.10 31.81 -34.46
CA VAL A 192 -1.26 31.82 -34.99
C VAL A 192 -1.61 30.45 -35.58
N PHE A 193 -0.70 29.89 -36.38
CA PHE A 193 -0.95 28.60 -37.02
C PHE A 193 -1.04 27.49 -36.00
N SER A 194 -0.04 27.41 -35.12
CA SER A 194 -0.02 26.36 -34.10
C SER A 194 -1.26 26.41 -33.24
N PHE A 195 -1.58 27.60 -32.73
CA PHE A 195 -2.77 27.75 -31.91
C PHE A 195 -3.99 27.25 -32.65
N PHE A 196 -4.16 27.68 -33.90
CA PHE A 196 -5.35 27.29 -34.63
C PHE A 196 -5.42 25.78 -34.80
N LEU A 197 -4.30 25.16 -35.13
CA LEU A 197 -4.27 23.70 -35.24
C LEU A 197 -4.71 23.06 -33.93
N VAL A 198 -4.12 23.48 -32.82
CA VAL A 198 -4.49 22.92 -31.52
C VAL A 198 -5.98 23.10 -31.23
N PHE A 199 -6.54 24.26 -31.58
CA PHE A 199 -7.95 24.52 -31.35
C PHE A 199 -8.83 23.60 -32.17
N LEU A 200 -8.48 23.42 -33.45
CA LEU A 200 -9.24 22.51 -34.29
C LEU A 200 -9.25 21.14 -33.65
N ILE A 201 -8.15 20.77 -33.01
CA ILE A 201 -8.10 19.48 -32.31
C ILE A 201 -9.02 19.51 -31.09
N ILE A 202 -8.95 20.58 -30.31
CA ILE A 202 -9.76 20.68 -29.10
C ILE A 202 -11.24 20.69 -29.45
N LEU A 203 -11.60 21.41 -30.51
CA LEU A 203 -13.01 21.47 -30.92
C LEU A 203 -13.49 20.10 -31.38
N PHE A 204 -12.69 19.39 -32.18
CA PHE A 204 -13.06 18.03 -32.58
C PHE A 204 -13.27 17.14 -31.37
N CYS A 205 -12.34 17.18 -30.42
CA CYS A 205 -12.45 16.35 -29.22
C CYS A 205 -13.71 16.68 -28.44
N ASN A 206 -13.96 17.97 -28.20
CA ASN A 206 -15.11 18.36 -27.41
C ASN A 206 -16.41 17.99 -28.11
N LEU A 207 -16.47 18.16 -29.43
CA LEU A 207 -17.68 17.81 -30.17
C LEU A 207 -17.93 16.31 -30.14
N VAL A 208 -16.88 15.51 -30.30
CA VAL A 208 -17.05 14.06 -30.23
C VAL A 208 -17.49 13.63 -28.84
N ILE A 209 -16.95 14.26 -27.80
CA ILE A 209 -17.37 13.93 -26.44
C ILE A 209 -18.83 14.31 -26.22
N ILE A 210 -19.23 15.49 -26.71
CA ILE A 210 -20.61 15.91 -26.58
C ILE A 210 -21.54 14.94 -27.29
N ARG A 211 -21.16 14.50 -28.49
CA ARG A 211 -22.00 13.56 -29.23
C ARG A 211 -22.09 12.23 -28.51
N THR A 212 -20.97 11.72 -28.01
CA THR A 212 -20.98 10.45 -27.29
C THR A 212 -21.85 10.54 -26.04
N LEU A 213 -21.81 11.69 -25.35
CA LEU A 213 -22.61 11.83 -24.13
C LEU A 213 -24.09 11.96 -24.46
N LEU A 214 -24.44 12.76 -25.47
CA LEU A 214 -25.82 12.97 -25.86
C LEU A 214 -26.33 11.90 -26.82
N MET A 215 -25.58 10.82 -27.02
CA MET A 215 -26.02 9.75 -27.91
C MET A 215 -27.41 9.24 -27.54
N GLN A 216 -27.81 9.39 -26.28
CA GLN A 216 -29.12 8.94 -25.84
C GLN A 216 -29.27 7.45 -26.12
N PRO A 217 -28.64 6.56 -25.28
CA PRO A 217 -28.80 5.14 -25.66
C PRO A 217 -30.24 4.65 -25.77
N VAL A 218 -30.46 3.63 -26.58
CA VAL A 218 -31.79 3.05 -26.71
C VAL A 218 -32.22 2.54 -25.34
N GLN A 219 -31.30 1.93 -24.61
CA GLN A 219 -31.61 1.46 -23.27
C GLN A 219 -31.62 2.61 -22.28
N GLN A 220 -32.14 2.36 -21.07
CA GLN A 220 -32.20 3.40 -20.06
C GLN A 220 -30.81 3.97 -19.77
N GLN A 221 -30.74 5.29 -19.63
CA GLN A 221 -29.46 5.95 -19.36
C GLN A 221 -29.01 5.64 -17.95
N ARG A 222 -27.79 5.16 -17.79
CA ARG A 222 -27.32 4.78 -16.47
C ARG A 222 -26.72 5.93 -15.70
N ASN A 223 -26.05 6.84 -16.38
CA ASN A 223 -25.37 7.92 -15.67
C ASN A 223 -25.91 9.29 -16.04
N ALA A 224 -27.22 9.48 -16.01
CA ALA A 224 -27.85 10.74 -16.40
C ALA A 224 -27.20 11.93 -15.70
N GLU A 225 -27.12 11.89 -14.38
CA GLU A 225 -26.55 13.01 -13.63
C GLU A 225 -25.08 13.23 -14.01
N VAL A 226 -24.31 12.14 -14.02
CA VAL A 226 -22.90 12.21 -14.38
C VAL A 226 -22.75 12.80 -15.77
N LYS A 227 -23.49 12.26 -16.73
CA LYS A 227 -23.38 12.71 -18.11
C LYS A 227 -23.74 14.18 -18.25
N ARG A 228 -24.80 14.63 -17.58
CA ARG A 228 -25.17 16.04 -17.66
C ARG A 228 -24.10 16.94 -17.05
N ARG A 229 -23.56 16.54 -15.89
CA ARG A 229 -22.52 17.36 -15.28
C ARG A 229 -21.28 17.44 -16.17
N ALA A 230 -20.87 16.30 -16.72
CA ALA A 230 -19.72 16.29 -17.63
C ALA A 230 -19.98 17.17 -18.85
N LEU A 231 -21.20 17.09 -19.40
CA LEU A 231 -21.53 17.89 -20.57
C LEU A 231 -21.47 19.38 -20.24
N TRP A 232 -22.04 19.76 -19.10
CA TRP A 232 -22.01 21.17 -18.70
C TRP A 232 -20.57 21.66 -18.51
N MET A 233 -19.75 20.86 -17.84
CA MET A 233 -18.36 21.27 -17.61
C MET A 233 -17.61 21.39 -18.93
N VAL A 234 -17.79 20.43 -19.83
CA VAL A 234 -17.09 20.48 -21.12
C VAL A 234 -17.54 21.70 -21.92
N CYS A 235 -18.84 21.98 -21.93
CA CYS A 235 -19.34 23.15 -22.66
C CYS A 235 -18.78 24.43 -22.07
N THR A 236 -18.75 24.53 -20.74
CA THR A 236 -18.19 25.73 -20.10
C THR A 236 -16.72 25.91 -20.46
N VAL A 237 -15.94 24.84 -20.38
CA VAL A 237 -14.52 24.93 -20.69
C VAL A 237 -14.33 25.35 -22.14
N LEU A 238 -15.09 24.75 -23.06
CA LEU A 238 -14.94 25.08 -24.48
C LEU A 238 -15.32 26.53 -24.74
N ALA A 239 -16.43 26.99 -24.18
CA ALA A 239 -16.85 28.37 -24.39
C ALA A 239 -15.82 29.35 -23.84
N VAL A 240 -15.30 29.07 -22.64
CA VAL A 240 -14.28 29.94 -22.05
C VAL A 240 -13.05 29.99 -22.95
N PHE A 241 -12.54 28.82 -23.34
CA PHE A 241 -11.35 28.77 -24.18
C PHE A 241 -11.56 29.56 -25.46
N ILE A 242 -12.70 29.33 -26.13
CA ILE A 242 -12.98 30.04 -27.38
C ILE A 242 -12.98 31.55 -27.13
N ILE A 243 -13.91 32.01 -26.27
CA ILE A 243 -14.10 33.45 -26.08
C ILE A 243 -12.81 34.12 -25.65
N CYS A 244 -11.93 33.39 -24.97
CA CYS A 244 -10.72 34.00 -24.43
C CYS A 244 -9.62 34.05 -25.48
N PHE A 245 -9.41 32.96 -26.21
CA PHE A 245 -8.25 32.85 -27.08
C PHE A 245 -8.54 33.23 -28.52
N VAL A 246 -9.65 32.75 -29.11
CA VAL A 246 -9.88 32.96 -30.54
C VAL A 246 -9.83 34.44 -30.90
N PRO A 247 -10.50 35.35 -30.20
CA PRO A 247 -10.38 36.77 -30.55
C PRO A 247 -8.95 37.27 -30.51
N HIS A 248 -8.15 36.79 -29.56
CA HIS A 248 -6.75 37.18 -29.55
C HIS A 248 -6.12 36.89 -30.87
N HIS A 249 -6.21 35.65 -31.32
CA HIS A 249 -5.51 35.30 -32.55
C HIS A 249 -6.12 35.81 -33.84
N VAL A 250 -7.33 36.36 -33.77
CA VAL A 250 -7.91 36.97 -34.96
C VAL A 250 -7.29 38.36 -35.04
N VAL A 251 -7.47 39.18 -34.01
CA VAL A 251 -6.92 40.52 -33.97
C VAL A 251 -5.39 40.45 -33.99
N GLN A 252 -4.74 39.49 -33.34
CA GLN A 252 -3.28 39.46 -33.29
C GLN A 252 -2.57 39.57 -34.64
N LEU A 253 -2.80 38.63 -35.55
CA LEU A 253 -2.07 38.66 -36.82
C LEU A 253 -2.33 39.94 -37.63
N PRO A 254 -3.60 40.22 -38.00
CA PRO A 254 -3.82 41.51 -38.64
C PRO A 254 -3.19 42.68 -37.91
N TRP A 255 -3.21 42.74 -36.58
CA TRP A 255 -2.56 43.89 -35.95
C TRP A 255 -1.06 43.87 -36.20
N THR A 256 -0.44 42.70 -36.08
CA THR A 256 0.98 42.59 -36.38
C THR A 256 1.29 43.17 -37.74
N LEU A 257 0.65 42.66 -38.77
CA LEU A 257 0.90 43.11 -40.14
C LEU A 257 0.78 44.62 -40.25
N ALA A 258 -0.18 45.22 -39.54
CA ALA A 258 -0.37 46.67 -39.60
C ALA A 258 0.76 47.40 -38.88
N GLU A 259 1.22 46.87 -37.74
CA GLU A 259 2.28 47.54 -37.00
C GLU A 259 3.62 47.41 -37.72
N LEU A 260 3.92 46.22 -38.24
CA LEU A 260 5.19 45.97 -38.91
C LEU A 260 5.27 46.60 -40.30
N GLY A 261 4.24 47.32 -40.73
CA GLY A 261 4.27 48.03 -42.00
C GLY A 261 4.14 47.16 -43.23
N PHE A 262 3.96 45.84 -43.07
CA PHE A 262 3.81 44.99 -44.24
C PHE A 262 2.49 45.27 -44.95
N GLN A 263 1.41 45.46 -44.18
CA GLN A 263 0.10 45.81 -44.74
C GLN A 263 -0.46 46.94 -43.91
N ASP A 264 -0.24 48.19 -44.36
CA ASP A 264 -0.75 49.36 -43.66
C ASP A 264 -2.20 49.60 -44.05
N SER A 265 -3.05 48.60 -43.86
CA SER A 265 -4.45 48.70 -44.25
C SER A 265 -5.21 49.60 -43.27
N LYS A 266 -6.39 50.03 -43.71
CA LYS A 266 -7.24 50.88 -42.90
C LYS A 266 -7.71 50.12 -41.65
N PHE A 267 -8.39 50.86 -40.77
CA PHE A 267 -8.88 50.32 -39.49
C PHE A 267 -7.72 49.97 -38.56
N HIS A 268 -6.69 50.81 -38.55
CA HIS A 268 -5.56 50.57 -37.66
C HIS A 268 -6.00 50.73 -36.21
N GLN A 269 -6.57 51.89 -35.87
CA GLN A 269 -6.97 52.13 -34.48
C GLN A 269 -8.03 51.13 -34.03
N ALA A 270 -8.96 50.75 -34.91
CA ALA A 270 -9.98 49.78 -34.55
C ALA A 270 -9.34 48.43 -34.22
N ILE A 271 -8.43 47.96 -35.07
CA ILE A 271 -7.76 46.70 -34.82
C ILE A 271 -6.93 46.78 -33.54
N ASN A 272 -6.27 47.91 -33.30
CA ASN A 272 -5.48 48.05 -32.08
C ASN A 272 -6.38 47.97 -30.85
N ASP A 273 -7.51 48.67 -30.86
CA ASP A 273 -8.42 48.63 -29.72
C ASP A 273 -8.98 47.23 -29.52
N ALA A 274 -9.32 46.53 -30.61
CA ALA A 274 -9.83 45.18 -30.48
C ALA A 274 -8.77 44.24 -29.92
N HIS A 275 -7.50 44.57 -30.16
CA HIS A 275 -6.38 43.78 -29.65
C HIS A 275 -6.10 43.97 -28.16
N GLN A 276 -6.56 45.08 -27.59
CA GLN A 276 -6.25 45.31 -26.19
C GLN A 276 -7.15 44.49 -25.27
N VAL A 277 -8.44 44.40 -25.62
CA VAL A 277 -9.36 43.63 -24.80
C VAL A 277 -9.10 42.14 -24.93
N THR A 278 -8.44 41.71 -26.01
CA THR A 278 -8.12 40.30 -26.17
C THR A 278 -7.04 39.83 -25.22
N LEU A 279 -6.04 40.65 -24.93
CA LEU A 279 -5.05 40.31 -23.92
C LEU A 279 -5.77 40.36 -22.57
N CYS A 280 -6.69 41.32 -22.45
CA CYS A 280 -7.46 41.27 -21.18
C CYS A 280 -8.10 39.89 -21.02
N LEU A 281 -8.71 39.39 -22.09
CA LEU A 281 -9.39 38.10 -22.05
C LEU A 281 -8.42 36.98 -21.77
N LEU A 282 -7.25 37.00 -22.39
CA LEU A 282 -6.24 36.01 -22.09
C LEU A 282 -5.93 35.94 -20.59
N SER A 283 -5.70 37.09 -19.95
CA SER A 283 -5.49 37.00 -18.48
C SER A 283 -6.74 36.51 -17.66
N THR A 284 -7.91 36.98 -18.07
CA THR A 284 -9.11 36.50 -17.37
C THR A 284 -9.15 35.00 -17.48
N ASN A 285 -8.77 34.45 -18.62
CA ASN A 285 -8.77 33.00 -18.85
C ASN A 285 -7.75 32.35 -17.94
N CYS A 286 -6.52 32.82 -18.00
CA CYS A 286 -5.51 32.35 -17.05
C CYS A 286 -6.12 32.15 -15.67
N VAL A 287 -7.00 33.04 -15.20
CA VAL A 287 -7.68 32.84 -13.91
C VAL A 287 -8.82 31.82 -13.97
N LEU A 288 -9.65 31.89 -15.01
CA LEU A 288 -10.79 30.99 -15.11
C LEU A 288 -10.46 29.52 -15.28
N ASP A 289 -9.43 29.18 -16.06
CA ASP A 289 -9.12 27.79 -16.34
C ASP A 289 -9.01 26.95 -15.07
N PRO A 290 -8.11 27.24 -14.13
CA PRO A 290 -7.99 26.39 -12.94
C PRO A 290 -9.29 26.30 -12.15
N VAL A 291 -10.05 27.39 -12.06
CA VAL A 291 -11.30 27.38 -11.31
C VAL A 291 -12.26 26.35 -11.89
N ILE A 292 -12.53 26.45 -13.20
CA ILE A 292 -13.49 25.54 -13.82
C ILE A 292 -12.95 24.12 -13.89
N TYR A 293 -11.62 23.97 -13.89
CA TYR A 293 -11.05 22.64 -14.04
C TYR A 293 -11.03 21.88 -12.71
N CYS A 294 -10.46 22.48 -11.67
CA CYS A 294 -10.21 21.80 -10.41
C CYS A 294 -11.30 22.05 -9.36
N PHE A 295 -11.67 23.32 -9.15
CA PHE A 295 -12.51 23.70 -8.03
C PHE A 295 -13.91 23.10 -8.10
N LEU A 296 -14.23 22.37 -9.18
CA LEU A 296 -15.57 21.85 -9.37
C LEU A 296 -15.60 20.41 -9.89
N THR A 297 -14.52 19.64 -9.73
CA THR A 297 -14.47 18.33 -10.36
C THR A 297 -15.21 17.27 -9.53
N LYS A 298 -14.63 16.87 -8.40
CA LYS A 298 -15.31 15.94 -7.50
C LYS A 298 -15.19 16.34 -6.03
N LYS A 299 -14.02 16.84 -5.65
CA LYS A 299 -13.61 16.94 -4.25
C LYS A 299 -13.48 18.36 -3.75
N PHE A 300 -12.98 19.29 -4.58
CA PHE A 300 -12.83 20.66 -4.13
C PHE A 300 -14.12 21.19 -3.52
N ARG A 301 -15.27 20.89 -4.15
CA ARG A 301 -16.55 21.20 -3.52
C ARG A 301 -16.70 20.44 -2.21
N LYS A 302 -16.31 19.17 -2.20
CA LYS A 302 -16.40 18.37 -0.98
C LYS A 302 -15.55 18.97 0.13
N HIS A 303 -14.32 19.37 -0.19
CA HIS A 303 -13.43 19.95 0.81
C HIS A 303 -13.96 21.30 1.30
N LEU A 304 -14.48 22.11 0.39
CA LEU A 304 -15.08 23.39 0.78
C LEU A 304 -16.23 23.16 1.75
N THR A 305 -17.12 22.22 1.43
CA THR A 305 -18.24 21.91 2.32
C THR A 305 -17.75 21.41 3.66
N GLU A 306 -16.76 20.51 3.66
CA GLU A 306 -16.23 19.98 4.91
C GLU A 306 -15.69 21.10 5.79
N LYS A 307 -14.89 22.00 5.21
CA LYS A 307 -14.34 23.11 5.99
C LYS A 307 -15.46 24.02 6.50
N PHE A 308 -16.41 24.36 5.63
CA PHE A 308 -17.49 25.25 6.04
C PHE A 308 -18.47 24.56 6.98
N TYR A 309 -18.60 23.25 6.88
CA TYR A 309 -19.54 22.50 7.71
C TYR A 309 -19.03 22.46 9.15
N ASP B 9 -36.87 -29.05 31.17
CA ASP B 9 -37.90 -28.14 31.77
C ASP B 9 -37.30 -27.34 32.93
N GLN B 10 -36.75 -28.06 33.92
CA GLN B 10 -36.12 -27.41 35.06
C GLN B 10 -34.71 -26.93 34.76
N LEU B 11 -34.14 -27.33 33.62
CA LEU B 11 -32.77 -26.93 33.31
C LEU B 11 -32.66 -25.43 33.09
N ARG B 12 -33.66 -24.81 32.45
CA ARG B 12 -33.61 -23.37 32.24
C ARG B 12 -33.75 -22.62 33.57
N GLN B 13 -34.61 -23.11 34.46
CA GLN B 13 -34.72 -22.50 35.78
C GLN B 13 -33.40 -22.62 36.55
N GLU B 14 -32.75 -23.79 36.47
CA GLU B 14 -31.47 -23.96 37.14
C GLU B 14 -30.41 -23.04 36.54
N ALA B 15 -30.42 -22.87 35.22
CA ALA B 15 -29.47 -21.96 34.59
C ALA B 15 -29.71 -20.52 35.05
N GLU B 16 -30.98 -20.10 35.12
CA GLU B 16 -31.28 -18.75 35.61
C GLU B 16 -30.84 -18.59 37.06
N GLN B 17 -31.06 -19.61 37.88
CA GLN B 17 -30.63 -19.54 39.27
C GLN B 17 -29.12 -19.40 39.37
N LEU B 18 -28.38 -20.19 38.60
CA LEU B 18 -26.92 -20.09 38.62
C LEU B 18 -26.45 -18.73 38.11
N LYS B 19 -27.15 -18.18 37.11
CA LYS B 19 -26.79 -16.85 36.60
C LYS B 19 -26.98 -15.81 37.69
N ASN B 20 -28.12 -15.85 38.38
CA ASN B 20 -28.35 -14.90 39.47
C ASN B 20 -27.32 -15.09 40.58
N GLN B 21 -26.95 -16.34 40.85
CA GLN B 21 -25.97 -16.61 41.90
C GLN B 21 -24.61 -16.00 41.56
N ILE B 22 -24.14 -16.21 40.32
CA ILE B 22 -22.86 -15.64 39.93
C ILE B 22 -22.95 -14.12 39.87
N ARG B 23 -24.11 -13.58 39.50
CA ARG B 23 -24.28 -12.12 39.50
C ARG B 23 -24.13 -11.56 40.91
N ASP B 24 -24.81 -12.18 41.88
CA ASP B 24 -24.69 -11.74 43.26
C ASP B 24 -23.27 -11.90 43.78
N ALA B 25 -22.60 -12.99 43.40
CA ALA B 25 -21.22 -13.19 43.81
C ALA B 25 -20.32 -12.08 43.28
N ARG B 26 -20.47 -11.73 42.00
CA ARG B 26 -19.67 -10.66 41.43
C ARG B 26 -20.01 -9.32 42.06
N LYS B 27 -21.28 -9.10 42.40
CA LYS B 27 -21.67 -7.84 43.02
C LYS B 27 -21.12 -7.71 44.43
N ALA B 28 -21.02 -8.82 45.16
CA ALA B 28 -20.50 -8.76 46.53
C ALA B 28 -19.08 -8.23 46.57
N CYS B 29 -18.29 -8.48 45.52
CA CYS B 29 -16.91 -8.00 45.48
C CYS B 29 -16.81 -6.55 45.04
N ALA B 30 -17.89 -5.95 44.55
CA ALA B 30 -17.87 -4.56 44.08
C ALA B 30 -17.86 -3.60 45.27
N ASP B 31 -16.74 -3.58 45.98
CA ASP B 31 -16.61 -2.72 47.15
C ASP B 31 -16.44 -1.26 46.73
N ALA B 32 -15.39 -0.96 45.96
CA ALA B 32 -15.10 0.39 45.53
C ALA B 32 -14.75 0.40 44.05
N THR B 33 -14.91 1.56 43.42
CA THR B 33 -14.60 1.74 42.01
C THR B 33 -13.13 2.09 41.84
N LEU B 34 -12.60 1.79 40.65
CA LEU B 34 -11.19 2.06 40.37
C LEU B 34 -10.87 3.54 40.55
N SER B 35 -11.84 4.42 40.26
CA SER B 35 -11.61 5.85 40.44
C SER B 35 -11.38 6.18 41.90
N GLN B 36 -12.13 5.55 42.80
CA GLN B 36 -11.97 5.81 44.23
C GLN B 36 -10.57 5.42 44.71
N ILE B 37 -9.93 4.46 44.04
CA ILE B 37 -8.58 4.05 44.43
C ILE B 37 -7.53 4.92 43.74
N THR B 38 -7.76 5.31 42.49
CA THR B 38 -6.79 6.08 41.73
C THR B 38 -6.86 7.57 41.99
N ASN B 39 -7.85 8.04 42.76
CA ASN B 39 -7.90 9.47 43.11
C ASN B 39 -6.57 9.96 43.66
N ASN B 40 -5.83 9.10 44.36
CA ASN B 40 -4.54 9.48 44.93
C ASN B 40 -3.40 9.42 43.91
N ILE B 41 -3.68 9.02 42.67
CA ILE B 41 -2.66 8.94 41.64
C ILE B 41 -2.66 10.22 40.81
N ASP B 42 -1.48 10.65 40.39
CA ASP B 42 -1.36 11.86 39.61
C ASP B 42 -1.66 11.60 38.14
N PRO B 43 -2.11 12.61 37.40
CA PRO B 43 -2.43 12.40 35.99
C PRO B 43 -1.18 12.26 35.15
N VAL B 44 -1.34 11.60 34.00
CA VAL B 44 -0.22 11.39 33.08
C VAL B 44 0.04 12.62 32.22
N GLY B 45 -0.96 13.48 32.01
CA GLY B 45 -0.79 14.66 31.18
C GLY B 45 -0.94 14.33 29.71
N ARG B 46 -0.54 15.30 28.89
CA ARG B 46 -0.63 15.15 27.45
C ARG B 46 0.47 14.23 26.94
N ILE B 47 0.11 13.31 26.06
CA ILE B 47 1.04 12.37 25.44
C ILE B 47 1.00 12.61 23.94
N GLN B 48 2.10 13.13 23.39
CA GLN B 48 2.21 13.41 21.97
C GLN B 48 3.29 12.53 21.36
N MET B 49 2.94 11.82 20.30
CA MET B 49 3.86 10.94 19.61
C MET B 49 4.15 11.50 18.21
N ARG B 50 5.28 11.07 17.66
CA ARG B 50 5.74 11.53 16.36
C ARG B 50 5.85 10.36 15.40
N THR B 51 5.32 10.54 14.19
CA THR B 51 5.43 9.51 13.16
C THR B 51 6.86 9.45 12.63
N ARG B 52 7.67 8.57 13.22
CA ARG B 52 9.09 8.53 12.86
C ARG B 52 9.28 7.97 11.46
N ARG B 53 8.58 6.90 11.12
CA ARG B 53 8.74 6.22 9.85
C ARG B 53 7.38 5.78 9.34
N THR B 54 7.14 5.98 8.04
CA THR B 54 5.91 5.57 7.37
C THR B 54 6.24 4.45 6.40
N LEU B 55 5.60 3.30 6.59
CA LEU B 55 5.86 2.12 5.77
C LEU B 55 4.82 2.08 4.65
N ARG B 56 5.21 2.53 3.46
CA ARG B 56 4.36 2.52 2.29
C ARG B 56 4.86 1.49 1.29
N GLY B 57 3.94 1.04 0.43
CA GLY B 57 4.26 0.03 -0.56
C GLY B 57 3.11 -0.91 -0.84
N HIS B 58 2.14 -0.97 0.07
CA HIS B 58 0.95 -1.80 -0.13
C HIS B 58 0.02 -1.15 -1.13
N LEU B 59 -0.68 -1.99 -1.91
CA LEU B 59 -1.62 -1.53 -2.92
C LEU B 59 -3.06 -1.87 -2.56
N ALA B 60 -3.34 -2.08 -1.28
CA ALA B 60 -4.69 -2.44 -0.84
C ALA B 60 -4.81 -2.10 0.65
N LYS B 61 -5.94 -2.48 1.23
CA LYS B 61 -6.19 -2.19 2.64
C LYS B 61 -5.37 -3.12 3.53
N ILE B 62 -4.65 -2.55 4.48
CA ILE B 62 -3.88 -3.32 5.45
C ILE B 62 -4.82 -3.70 6.59
N TYR B 63 -5.04 -5.01 6.77
CA TYR B 63 -5.99 -5.49 7.76
C TYR B 63 -5.36 -5.99 9.05
N ALA B 64 -4.14 -6.55 8.99
CA ALA B 64 -3.52 -7.13 10.17
C ALA B 64 -2.01 -6.96 10.09
N MET B 65 -1.40 -6.83 11.26
CA MET B 65 0.05 -6.76 11.37
C MET B 65 0.45 -7.19 12.77
N HIS B 66 1.60 -7.85 12.87
CA HIS B 66 2.08 -8.37 14.14
C HIS B 66 3.57 -8.08 14.29
N TRP B 67 4.01 -7.94 15.53
CA TRP B 67 5.40 -7.68 15.86
C TRP B 67 6.12 -8.98 16.21
N GLY B 68 7.42 -9.01 15.91
CA GLY B 68 8.25 -10.14 16.26
C GLY B 68 8.90 -9.98 17.62
N THR B 69 9.66 -11.01 18.00
CA THR B 69 10.36 -11.02 19.28
C THR B 69 11.69 -10.27 19.25
N ASP B 70 11.96 -9.53 18.17
CA ASP B 70 13.19 -8.76 18.05
C ASP B 70 12.95 -7.25 17.97
N SER B 71 11.70 -6.80 17.86
CA SER B 71 11.34 -5.40 17.79
C SER B 71 11.83 -4.73 16.52
N ARG B 72 12.22 -5.50 15.52
CA ARG B 72 12.69 -4.94 14.26
C ARG B 72 11.93 -5.53 13.08
N LEU B 73 11.62 -6.82 13.15
CA LEU B 73 10.90 -7.52 12.08
C LEU B 73 9.42 -7.54 12.41
N LEU B 74 8.60 -6.99 11.52
CA LEU B 74 7.15 -6.99 11.69
C LEU B 74 6.49 -7.44 10.40
N VAL B 75 5.46 -8.28 10.53
CA VAL B 75 4.75 -8.83 9.39
C VAL B 75 3.50 -8.00 9.14
N SER B 76 3.18 -7.78 7.87
CA SER B 76 2.00 -7.03 7.48
C SER B 76 1.15 -7.87 6.54
N ALA B 77 -0.15 -7.59 6.52
CA ALA B 77 -1.10 -8.32 5.69
C ALA B 77 -2.14 -7.35 5.17
N SER B 78 -2.34 -7.35 3.85
CA SER B 78 -3.30 -6.48 3.20
C SER B 78 -4.13 -7.28 2.21
N GLN B 79 -5.09 -6.61 1.57
CA GLN B 79 -5.99 -7.25 0.62
C GLN B 79 -5.37 -7.42 -0.76
N ASP B 80 -4.11 -7.05 -0.95
CA ASP B 80 -3.45 -7.19 -2.25
C ASP B 80 -2.86 -8.57 -2.46
N GLY B 81 -2.88 -9.43 -1.45
CA GLY B 81 -2.32 -10.76 -1.59
C GLY B 81 -0.84 -10.84 -1.34
N LYS B 82 -0.29 -9.95 -0.52
CA LYS B 82 1.13 -9.91 -0.22
C LYS B 82 1.34 -9.77 1.28
N LEU B 83 2.31 -10.51 1.82
CA LEU B 83 2.72 -10.40 3.21
C LEU B 83 4.13 -9.84 3.22
N ILE B 84 4.29 -8.62 3.74
CA ILE B 84 5.56 -7.92 3.72
C ILE B 84 6.18 -7.98 5.11
N ILE B 85 7.48 -8.30 5.14
CA ILE B 85 8.25 -8.30 6.38
C ILE B 85 9.09 -7.02 6.42
N TRP B 86 8.73 -6.11 7.31
CA TRP B 86 9.39 -4.81 7.42
C TRP B 86 10.41 -4.83 8.54
N ASP B 87 11.55 -4.19 8.28
CA ASP B 87 12.59 -3.94 9.27
C ASP B 87 12.32 -2.56 9.85
N SER B 88 11.89 -2.53 11.11
CA SER B 88 11.42 -1.28 11.72
C SER B 88 12.51 -0.22 11.70
N TYR B 89 13.75 -0.60 12.03
CA TYR B 89 14.82 0.38 12.16
C TYR B 89 15.30 0.94 10.83
N THR B 90 14.87 0.36 9.71
CA THR B 90 15.33 0.85 8.40
C THR B 90 14.21 0.95 7.37
N THR B 91 12.98 0.58 7.70
CA THR B 91 11.85 0.63 6.76
C THR B 91 12.07 -0.25 5.54
N ASN B 92 13.05 -1.15 5.59
CA ASN B 92 13.35 -2.00 4.45
C ASN B 92 12.49 -3.26 4.49
N LYS B 93 12.02 -3.67 3.32
CA LYS B 93 11.23 -4.89 3.18
C LYS B 93 12.18 -6.08 3.14
N VAL B 94 11.99 -7.03 4.07
CA VAL B 94 12.88 -8.18 4.15
C VAL B 94 12.37 -9.33 3.28
N HIS B 95 11.07 -9.62 3.34
CA HIS B 95 10.48 -10.69 2.54
C HIS B 95 9.13 -10.24 2.02
N ALA B 96 8.76 -10.78 0.86
CA ALA B 96 7.47 -10.49 0.23
C ALA B 96 6.84 -11.84 -0.14
N ILE B 97 5.97 -12.34 0.72
CA ILE B 97 5.33 -13.64 0.54
C ILE B 97 4.09 -13.43 -0.32
N PRO B 98 4.00 -14.06 -1.50
CA PRO B 98 2.75 -13.98 -2.28
C PRO B 98 1.70 -14.94 -1.73
N LEU B 99 0.47 -14.44 -1.60
CA LEU B 99 -0.62 -15.21 -1.03
C LEU B 99 -1.55 -15.70 -2.13
N ARG B 100 -2.03 -16.94 -1.98
CA ARG B 100 -2.97 -17.50 -2.93
C ARG B 100 -4.38 -16.97 -2.75
N SER B 101 -4.70 -16.44 -1.56
CA SER B 101 -6.02 -15.86 -1.26
C SER B 101 -5.80 -14.43 -0.82
N SER B 102 -6.11 -13.48 -1.71
CA SER B 102 -5.92 -12.07 -1.39
C SER B 102 -6.83 -11.61 -0.26
N TRP B 103 -7.84 -12.39 0.10
CA TRP B 103 -8.79 -12.00 1.14
C TRP B 103 -8.27 -12.48 2.50
N VAL B 104 -7.16 -11.88 2.91
CA VAL B 104 -6.54 -12.18 4.20
C VAL B 104 -7.13 -11.27 5.26
N MET B 105 -7.18 -11.76 6.50
CA MET B 105 -7.72 -11.01 7.62
C MET B 105 -6.86 -11.03 8.86
N THR B 106 -5.89 -11.95 8.98
CA THR B 106 -5.05 -12.03 10.15
C THR B 106 -3.67 -12.50 9.74
N CYS B 107 -2.69 -12.21 10.59
CA CYS B 107 -1.31 -12.63 10.37
C CYS B 107 -0.61 -12.75 11.72
N ALA B 108 0.34 -13.68 11.79
CA ALA B 108 1.06 -13.94 13.03
C ALA B 108 2.55 -14.09 12.72
N TYR B 109 3.36 -13.91 13.75
CA TYR B 109 4.81 -14.04 13.65
C TYR B 109 5.28 -14.95 14.77
N ALA B 110 5.93 -16.05 14.40
CA ALA B 110 6.35 -17.03 15.40
C ALA B 110 7.29 -16.38 16.41
N PRO B 111 7.30 -16.88 17.66
CA PRO B 111 8.21 -16.30 18.66
C PRO B 111 9.67 -16.41 18.28
N SER B 112 10.06 -17.44 17.53
CA SER B 112 11.45 -17.62 17.12
C SER B 112 11.78 -16.87 15.83
N GLY B 113 10.77 -16.54 15.02
CA GLY B 113 10.99 -15.83 13.79
C GLY B 113 11.19 -16.71 12.57
N ASN B 114 10.86 -17.99 12.65
CA ASN B 114 11.06 -18.92 11.54
C ASN B 114 9.77 -19.26 10.80
N TYR B 115 8.61 -18.94 11.37
CA TYR B 115 7.34 -19.27 10.75
C TYR B 115 6.37 -18.10 10.91
N VAL B 116 5.52 -17.92 9.90
CA VAL B 116 4.50 -16.87 9.92
C VAL B 116 3.19 -17.47 9.39
N ALA B 117 2.10 -17.21 10.10
CA ALA B 117 0.79 -17.74 9.74
C ALA B 117 -0.03 -16.66 9.04
N CYS B 118 -0.93 -17.11 8.17
CA CYS B 118 -1.83 -16.19 7.47
C CYS B 118 -3.15 -16.90 7.20
N GLY B 119 -4.25 -16.19 7.41
CA GLY B 119 -5.57 -16.75 7.18
C GLY B 119 -6.54 -15.67 6.75
N GLY B 120 -7.77 -16.09 6.45
CA GLY B 120 -8.79 -15.17 6.02
C GLY B 120 -10.08 -15.84 5.61
N LEU B 121 -10.66 -15.41 4.49
CA LEU B 121 -11.92 -15.96 4.00
C LEU B 121 -11.75 -17.29 3.29
N ASP B 122 -10.55 -17.88 3.30
CA ASP B 122 -10.30 -19.15 2.66
C ASP B 122 -10.52 -20.34 3.58
N ASN B 123 -10.80 -20.10 4.86
CA ASN B 123 -11.01 -21.17 5.83
C ASN B 123 -9.78 -22.08 5.95
N ILE B 124 -8.60 -21.54 5.63
CA ILE B 124 -7.36 -22.28 5.68
C ILE B 124 -6.29 -21.37 6.27
N CYS B 125 -5.49 -21.92 7.20
CA CYS B 125 -4.38 -21.20 7.81
C CYS B 125 -3.10 -21.71 7.17
N SER B 126 -2.41 -20.84 6.42
CA SER B 126 -1.19 -21.19 5.73
C SER B 126 0.00 -20.75 6.57
N ILE B 127 0.93 -21.68 6.83
CA ILE B 127 2.17 -21.38 7.53
C ILE B 127 3.29 -21.28 6.52
N TYR B 128 4.12 -20.25 6.66
CA TYR B 128 5.22 -19.99 5.74
C TYR B 128 6.51 -19.98 6.55
N ASN B 129 7.46 -20.83 6.16
CA ASN B 129 8.74 -20.94 6.86
C ASN B 129 9.72 -19.95 6.25
N LEU B 130 10.25 -19.06 7.09
CA LEU B 130 11.21 -18.05 6.63
C LEU B 130 12.64 -18.57 6.61
N LYS B 131 12.98 -19.51 7.48
CA LYS B 131 14.33 -20.05 7.57
C LYS B 131 14.40 -21.35 6.78
N THR B 132 14.82 -21.23 5.52
CA THR B 132 14.98 -22.38 4.65
C THR B 132 16.26 -22.21 3.83
N ARG B 133 16.79 -23.34 3.36
CA ARG B 133 18.02 -23.30 2.56
C ARG B 133 17.84 -22.54 1.26
N GLU B 134 16.60 -22.42 0.78
CA GLU B 134 16.34 -21.71 -0.46
C GLU B 134 16.24 -20.21 -0.18
N GLY B 135 16.08 -19.42 -1.25
CA GLY B 135 15.95 -17.99 -1.13
C GLY B 135 14.54 -17.51 -1.38
N ASN B 136 13.56 -18.40 -1.22
CA ASN B 136 12.16 -18.07 -1.43
C ASN B 136 11.34 -18.68 -0.30
N VAL B 137 10.42 -17.88 0.25
CA VAL B 137 9.57 -18.36 1.34
C VAL B 137 8.59 -19.38 0.78
N ARG B 138 8.55 -20.56 1.39
CA ARG B 138 7.71 -21.65 0.93
C ARG B 138 6.64 -21.96 1.96
N VAL B 139 5.57 -22.61 1.50
CA VAL B 139 4.44 -22.94 2.35
C VAL B 139 4.84 -24.13 3.23
N SER B 140 4.68 -23.97 4.55
CA SER B 140 5.02 -25.04 5.48
C SER B 140 3.86 -26.04 5.59
N ARG B 141 2.70 -25.57 6.05
CA ARG B 141 1.55 -26.44 6.23
C ARG B 141 0.27 -25.63 6.05
N GLU B 142 -0.74 -26.26 5.44
CA GLU B 142 -2.04 -25.65 5.26
C GLU B 142 -3.05 -26.35 6.17
N LEU B 143 -3.44 -25.69 7.24
CA LEU B 143 -4.36 -26.22 8.22
C LEU B 143 -5.79 -25.89 7.78
N ALA B 144 -6.59 -26.91 7.54
CA ALA B 144 -7.97 -26.75 7.11
C ALA B 144 -8.88 -27.56 8.02
N GLY B 145 -10.15 -27.16 8.05
CA GLY B 145 -11.14 -27.83 8.87
C GLY B 145 -12.12 -26.89 9.53
N HIS B 146 -11.94 -25.58 9.32
CA HIS B 146 -12.84 -24.58 9.88
C HIS B 146 -13.98 -24.28 8.92
N THR B 147 -15.14 -23.97 9.48
CA THR B 147 -16.33 -23.63 8.72
C THR B 147 -16.65 -22.13 8.81
N GLY B 148 -15.63 -21.31 9.02
CA GLY B 148 -15.83 -19.87 9.13
C GLY B 148 -14.54 -19.14 8.87
N TYR B 149 -14.68 -17.86 8.53
CA TYR B 149 -13.52 -17.03 8.25
C TYR B 149 -12.62 -16.93 9.47
N LEU B 150 -11.32 -17.08 9.26
CA LEU B 150 -10.36 -16.97 10.35
C LEU B 150 -10.23 -15.51 10.78
N SER B 151 -10.48 -15.26 12.06
CA SER B 151 -10.45 -13.90 12.58
C SER B 151 -9.08 -13.51 13.15
N CYS B 152 -8.47 -14.40 13.94
CA CYS B 152 -7.18 -14.11 14.55
C CYS B 152 -6.40 -15.40 14.71
N CYS B 153 -5.08 -15.27 14.77
CA CYS B 153 -4.20 -16.41 14.92
C CYS B 153 -2.95 -15.97 15.66
N ARG B 154 -2.53 -16.77 16.65
CA ARG B 154 -1.35 -16.48 17.45
C ARG B 154 -0.59 -17.77 17.72
N PHE B 155 0.72 -17.69 17.67
CA PHE B 155 1.58 -18.86 17.88
C PHE B 155 1.83 -19.10 19.36
N LEU B 156 1.86 -20.38 19.73
CA LEU B 156 2.29 -20.81 21.06
C LEU B 156 3.72 -21.33 21.07
N ASP B 157 4.08 -22.13 20.08
CA ASP B 157 5.44 -22.65 19.92
C ASP B 157 5.69 -22.81 18.43
N ASP B 158 6.77 -23.52 18.09
CA ASP B 158 7.10 -23.78 16.70
C ASP B 158 6.26 -24.91 16.09
N ASN B 159 5.39 -25.54 16.88
CA ASN B 159 4.60 -26.67 16.39
C ASN B 159 3.16 -26.63 16.89
N GLN B 160 2.67 -25.48 17.38
CA GLN B 160 1.31 -25.37 17.85
C GLN B 160 0.82 -23.94 17.62
N ILE B 161 -0.43 -23.82 17.17
CA ILE B 161 -1.00 -22.51 16.86
C ILE B 161 -2.49 -22.53 17.19
N VAL B 162 -2.96 -21.48 17.87
CA VAL B 162 -4.37 -21.30 18.20
C VAL B 162 -5.00 -20.42 17.14
N THR B 163 -6.15 -20.84 16.61
CA THR B 163 -6.83 -20.11 15.55
C THR B 163 -8.32 -20.03 15.85
N SER B 164 -8.87 -18.84 15.70
CA SER B 164 -10.30 -18.61 15.88
C SER B 164 -10.97 -18.41 14.52
N SER B 165 -12.09 -19.10 14.33
CA SER B 165 -12.84 -19.04 13.09
C SER B 165 -14.21 -18.43 13.35
N GLY B 166 -14.90 -18.09 12.28
CA GLY B 166 -16.24 -17.50 12.38
C GLY B 166 -17.32 -18.57 12.44
N ASP B 167 -17.08 -19.62 13.22
CA ASP B 167 -18.05 -20.70 13.38
C ASP B 167 -18.36 -20.97 14.85
N THR B 168 -18.08 -20.01 15.73
CA THR B 168 -18.34 -20.10 17.16
C THR B 168 -17.39 -21.07 17.87
N THR B 169 -16.28 -21.44 17.24
CA THR B 169 -15.35 -22.41 17.82
C THR B 169 -13.93 -22.04 17.46
N CYS B 170 -13.01 -22.22 18.42
CA CYS B 170 -11.58 -22.06 18.20
C CYS B 170 -10.92 -23.41 18.15
N ALA B 171 -9.68 -23.45 17.65
CA ALA B 171 -9.01 -24.73 17.45
C ALA B 171 -7.51 -24.57 17.67
N LEU B 172 -6.93 -25.53 18.37
CA LEU B 172 -5.47 -25.62 18.54
C LEU B 172 -4.94 -26.64 17.54
N TRP B 173 -4.11 -26.18 16.60
CA TRP B 173 -3.57 -27.01 15.53
C TRP B 173 -2.11 -27.32 15.80
N ASP B 174 -1.73 -28.57 15.54
CA ASP B 174 -0.35 -29.02 15.60
C ASP B 174 0.19 -29.03 14.18
N ILE B 175 1.28 -28.28 13.95
CA ILE B 175 1.74 -28.03 12.58
C ILE B 175 2.23 -29.33 11.94
N GLU B 176 3.21 -29.98 12.56
CA GLU B 176 3.85 -31.13 11.91
C GLU B 176 2.84 -32.22 11.57
N THR B 177 1.71 -32.28 12.28
CA THR B 177 0.68 -33.26 11.98
C THR B 177 -0.40 -32.70 11.07
N GLY B 178 -0.93 -31.53 11.39
CA GLY B 178 -1.95 -30.90 10.56
C GLY B 178 -3.37 -31.16 10.97
N GLN B 179 -3.60 -31.71 12.16
CA GLN B 179 -4.93 -31.99 12.66
C GLN B 179 -5.19 -31.17 13.93
N GLN B 180 -6.45 -31.11 14.33
CA GLN B 180 -6.84 -30.37 15.52
C GLN B 180 -6.53 -31.17 16.77
N THR B 181 -5.93 -30.50 17.76
CA THR B 181 -5.61 -31.12 19.03
C THR B 181 -6.60 -30.77 20.13
N THR B 182 -7.26 -29.61 20.04
CA THR B 182 -8.23 -29.21 21.05
C THR B 182 -9.19 -28.21 20.42
N THR B 183 -10.47 -28.53 20.42
CA THR B 183 -11.51 -27.67 19.88
C THR B 183 -12.26 -27.00 21.02
N PHE B 184 -12.16 -25.67 21.09
CA PHE B 184 -12.79 -24.89 22.13
C PHE B 184 -14.15 -24.41 21.61
N THR B 185 -15.22 -24.94 22.21
CA THR B 185 -16.58 -24.59 21.84
C THR B 185 -17.32 -23.99 23.03
N GLY B 186 -18.39 -23.26 22.74
CA GLY B 186 -19.18 -22.63 23.77
C GLY B 186 -19.70 -21.26 23.37
N HIS B 187 -19.11 -20.66 22.36
CA HIS B 187 -19.54 -19.35 21.89
C HIS B 187 -20.83 -19.47 21.07
N THR B 188 -21.53 -18.35 20.98
CA THR B 188 -22.75 -18.26 20.19
C THR B 188 -22.61 -17.32 18.99
N GLY B 189 -21.44 -16.74 18.77
CA GLY B 189 -21.22 -15.86 17.65
C GLY B 189 -19.84 -16.09 17.05
N ASP B 190 -19.57 -15.36 15.97
CA ASP B 190 -18.31 -15.49 15.25
C ASP B 190 -17.17 -14.95 16.11
N VAL B 191 -16.21 -15.81 16.44
CA VAL B 191 -15.06 -15.36 17.22
C VAL B 191 -14.27 -14.36 16.41
N MET B 192 -14.03 -13.18 16.99
CA MET B 192 -13.40 -12.07 16.28
C MET B 192 -11.98 -11.80 16.71
N SER B 193 -11.61 -12.08 17.96
CA SER B 193 -10.29 -11.73 18.47
C SER B 193 -9.76 -12.83 19.37
N LEU B 194 -8.44 -12.85 19.52
CA LEU B 194 -7.74 -13.78 20.40
C LEU B 194 -6.56 -13.05 21.03
N SER B 195 -6.30 -13.32 22.29
CA SER B 195 -5.12 -12.77 22.97
C SER B 195 -4.62 -13.80 23.96
N LEU B 196 -3.37 -14.24 23.78
CA LEU B 196 -2.76 -15.24 24.64
C LEU B 196 -1.99 -14.56 25.76
N ALA B 197 -1.99 -15.19 26.94
CA ALA B 197 -1.25 -14.65 28.07
C ALA B 197 0.25 -14.77 27.83
N PRO B 198 1.05 -13.99 28.56
CA PRO B 198 2.51 -14.10 28.38
C PRO B 198 3.03 -15.50 28.64
N ASP B 199 2.53 -16.18 29.66
CA ASP B 199 2.97 -17.53 29.97
C ASP B 199 2.50 -18.56 28.95
N THR B 200 1.63 -18.18 28.01
CA THR B 200 1.11 -19.10 27.00
C THR B 200 0.37 -20.27 27.62
N ARG B 201 -0.19 -20.06 28.82
CA ARG B 201 -0.94 -21.10 29.51
C ARG B 201 -2.45 -20.93 29.38
N LEU B 202 -2.92 -19.74 29.02
CA LEU B 202 -4.35 -19.47 28.91
C LEU B 202 -4.53 -18.26 28.02
N PHE B 203 -5.62 -18.27 27.24
CA PHE B 203 -5.89 -17.20 26.29
C PHE B 203 -7.37 -16.82 26.33
N VAL B 204 -7.65 -15.55 26.05
CA VAL B 204 -9.02 -15.05 26.03
C VAL B 204 -9.43 -14.79 24.59
N SER B 205 -10.72 -15.02 24.31
CA SER B 205 -11.28 -14.89 22.98
C SER B 205 -12.54 -14.05 23.04
N GLY B 206 -12.63 -13.05 22.18
CA GLY B 206 -13.81 -12.22 22.05
C GLY B 206 -14.53 -12.51 20.75
N ALA B 207 -15.85 -12.70 20.85
CA ALA B 207 -16.69 -13.09 19.73
C ALA B 207 -17.81 -12.07 19.54
N CYS B 208 -18.71 -12.38 18.61
CA CYS B 208 -19.83 -11.50 18.31
C CYS B 208 -21.01 -11.78 19.24
N ASP B 209 -20.75 -11.76 20.55
CA ASP B 209 -21.81 -11.98 21.53
C ASP B 209 -21.68 -11.06 22.74
N ALA B 210 -20.84 -10.03 22.66
CA ALA B 210 -20.61 -9.12 23.79
C ALA B 210 -20.09 -9.86 25.01
N SER B 211 -19.34 -10.94 24.79
CA SER B 211 -18.80 -11.74 25.87
C SER B 211 -17.41 -12.22 25.49
N ALA B 212 -16.49 -12.20 26.46
CA ALA B 212 -15.12 -12.66 26.28
C ALA B 212 -14.93 -13.91 27.13
N LYS B 213 -14.50 -14.99 26.50
CA LYS B 213 -14.33 -16.27 27.18
C LYS B 213 -12.86 -16.62 27.34
N LEU B 214 -12.49 -17.05 28.54
CA LEU B 214 -11.14 -17.50 28.82
C LEU B 214 -11.05 -19.01 28.60
N TRP B 215 -9.92 -19.47 28.09
CA TRP B 215 -9.71 -20.87 27.76
C TRP B 215 -8.29 -21.27 28.12
N ASP B 216 -8.14 -22.53 28.52
CA ASP B 216 -6.84 -23.13 28.80
C ASP B 216 -6.41 -23.96 27.59
N VAL B 217 -5.09 -24.06 27.39
CA VAL B 217 -4.56 -24.74 26.21
C VAL B 217 -4.52 -26.25 26.35
N ARG B 218 -4.61 -26.78 27.57
CA ARG B 218 -4.50 -28.22 27.81
C ARG B 218 -5.84 -28.91 28.03
N GLU B 219 -6.62 -28.44 28.99
CA GLU B 219 -7.90 -29.10 29.30
C GLU B 219 -8.89 -28.91 28.16
N GLY B 220 -9.21 -27.66 27.83
CA GLY B 220 -10.11 -27.36 26.74
C GLY B 220 -11.52 -27.03 27.19
N MET B 221 -11.62 -26.21 28.24
CA MET B 221 -12.91 -25.80 28.77
C MET B 221 -12.86 -24.31 29.12
N CYS B 222 -14.04 -23.72 29.23
CA CYS B 222 -14.17 -22.31 29.55
C CYS B 222 -14.17 -22.13 31.07
N ARG B 223 -13.26 -21.30 31.57
CA ARG B 223 -13.15 -21.06 33.00
C ARG B 223 -14.00 -19.88 33.46
N GLN B 224 -13.96 -18.77 32.73
CA GLN B 224 -14.71 -17.57 33.08
C GLN B 224 -15.20 -16.90 31.81
N THR B 225 -16.41 -16.32 31.90
CA THR B 225 -17.02 -15.59 30.79
C THR B 225 -17.35 -14.18 31.28
N PHE B 226 -16.65 -13.19 30.73
CA PHE B 226 -16.82 -11.80 31.13
C PHE B 226 -17.77 -11.11 30.16
N THR B 227 -18.81 -10.48 30.70
CA THR B 227 -19.81 -9.77 29.91
C THR B 227 -19.85 -8.31 30.34
N GLY B 228 -20.64 -7.51 29.62
CA GLY B 228 -20.76 -6.10 29.92
C GLY B 228 -20.89 -5.24 28.67
N HIS B 229 -20.48 -5.77 27.53
CA HIS B 229 -20.57 -5.04 26.28
C HIS B 229 -22.00 -5.11 25.74
N GLU B 230 -22.27 -4.29 24.71
CA GLU B 230 -23.59 -4.21 24.11
C GLU B 230 -23.54 -4.36 22.59
N SER B 231 -22.45 -4.91 22.05
CA SER B 231 -22.32 -5.09 20.62
C SER B 231 -21.23 -6.14 20.37
N ASP B 232 -20.83 -6.28 19.11
CA ASP B 232 -19.83 -7.27 18.75
C ASP B 232 -18.45 -6.85 19.24
N ILE B 233 -17.75 -7.80 19.87
CA ILE B 233 -16.39 -7.55 20.34
C ILE B 233 -15.44 -7.63 19.15
N ASN B 234 -14.65 -6.58 18.96
CA ASN B 234 -13.76 -6.49 17.80
C ASN B 234 -12.28 -6.50 18.16
N ALA B 235 -11.91 -6.15 19.39
CA ALA B 235 -10.51 -6.13 19.79
C ALA B 235 -10.38 -6.59 21.23
N ILE B 236 -9.26 -7.25 21.52
CA ILE B 236 -8.97 -7.71 22.87
C ILE B 236 -7.46 -7.78 23.03
N CYS B 237 -6.97 -7.34 24.20
CA CYS B 237 -5.55 -7.34 24.47
C CYS B 237 -5.31 -7.70 25.94
N PHE B 238 -4.43 -8.67 26.16
CA PHE B 238 -4.10 -9.10 27.51
C PHE B 238 -3.24 -8.08 28.23
N PHE B 239 -3.47 -7.91 29.53
CA PHE B 239 -2.67 -7.00 30.32
C PHE B 239 -1.25 -7.56 30.47
N PRO B 240 -0.22 -6.71 30.45
CA PRO B 240 1.15 -7.24 30.55
C PRO B 240 1.38 -8.17 31.74
N ASN B 241 0.77 -7.87 32.89
CA ASN B 241 0.89 -8.73 34.07
C ASN B 241 0.37 -10.14 33.77
N GLY B 242 -0.72 -10.23 33.04
CA GLY B 242 -1.32 -11.51 32.70
C GLY B 242 -2.54 -11.88 33.51
N ASN B 243 -3.05 -10.98 34.35
CA ASN B 243 -4.23 -11.24 35.16
C ASN B 243 -5.41 -10.34 34.79
N ALA B 244 -5.32 -9.63 33.66
CA ALA B 244 -6.39 -8.75 33.23
C ALA B 244 -6.27 -8.56 31.73
N PHE B 245 -7.32 -7.99 31.14
CA PHE B 245 -7.33 -7.74 29.70
C PHE B 245 -8.39 -6.69 29.37
N ALA B 246 -8.10 -5.92 28.32
CA ALA B 246 -9.02 -4.91 27.82
C ALA B 246 -9.71 -5.42 26.56
N THR B 247 -10.96 -5.01 26.38
CA THR B 247 -11.78 -5.45 25.26
C THR B 247 -12.51 -4.24 24.68
N GLY B 248 -12.45 -4.09 23.37
CA GLY B 248 -13.12 -3.01 22.66
C GLY B 248 -14.13 -3.59 21.66
N SER B 249 -15.33 -3.00 21.66
CA SER B 249 -16.42 -3.45 20.81
C SER B 249 -16.90 -2.26 19.97
N ASP B 250 -17.93 -2.51 19.17
CA ASP B 250 -18.50 -1.46 18.32
C ASP B 250 -19.34 -0.46 19.10
N ASP B 251 -19.47 -0.61 20.42
CA ASP B 251 -20.28 0.29 21.24
C ASP B 251 -19.54 1.58 21.59
N ALA B 252 -18.36 1.82 21.02
CA ALA B 252 -17.59 3.02 21.29
C ALA B 252 -17.20 3.11 22.76
N THR B 253 -16.78 1.97 23.33
CA THR B 253 -16.43 1.93 24.75
C THR B 253 -15.54 0.71 24.98
N CYS B 254 -14.35 0.94 25.52
CA CYS B 254 -13.47 -0.14 25.94
C CYS B 254 -13.70 -0.48 27.40
N ARG B 255 -13.50 -1.74 27.75
CA ARG B 255 -13.78 -2.23 29.09
C ARG B 255 -12.64 -3.14 29.55
N LEU B 256 -12.18 -2.92 30.77
CA LEU B 256 -11.08 -3.68 31.35
C LEU B 256 -11.62 -4.70 32.34
N PHE B 257 -11.35 -5.97 32.07
CA PHE B 257 -11.74 -7.07 32.95
C PHE B 257 -10.51 -7.62 33.66
N ASP B 258 -10.72 -8.14 34.87
CA ASP B 258 -9.66 -8.75 35.66
C ASP B 258 -10.06 -10.17 35.98
N LEU B 259 -9.16 -11.12 35.70
CA LEU B 259 -9.45 -12.52 35.96
C LEU B 259 -9.68 -12.79 37.44
N ARG B 260 -9.02 -12.01 38.31
CA ARG B 260 -9.19 -12.21 39.75
C ARG B 260 -10.47 -11.57 40.26
N ALA B 261 -10.77 -10.34 39.82
CA ALA B 261 -12.01 -9.68 40.25
C ALA B 261 -13.23 -10.35 39.66
N ASP B 262 -13.10 -10.95 38.48
CA ASP B 262 -14.19 -11.68 37.82
C ASP B 262 -15.32 -10.74 37.39
N GLN B 263 -14.99 -9.49 37.05
CA GLN B 263 -15.97 -8.55 36.56
C GLN B 263 -15.23 -7.34 35.98
N GLU B 264 -16.01 -6.32 35.62
CA GLU B 264 -15.43 -5.10 35.06
C GLU B 264 -14.91 -4.20 36.17
N LEU B 265 -13.89 -3.41 35.84
CA LEU B 265 -13.29 -2.45 36.76
C LEU B 265 -13.49 -1.00 36.33
N MET B 266 -13.38 -0.71 35.05
CA MET B 266 -13.56 0.65 34.55
C MET B 266 -13.73 0.59 33.04
N THR B 267 -14.40 1.62 32.50
CA THR B 267 -14.67 1.71 31.07
C THR B 267 -14.05 2.99 30.51
N TYR B 268 -13.73 2.95 29.23
CA TYR B 268 -13.12 4.08 28.52
C TYR B 268 -14.07 4.50 27.40
N SER B 269 -14.72 5.65 27.57
CA SER B 269 -15.66 6.14 26.57
C SER B 269 -15.82 7.64 26.74
N HIS B 270 -15.97 8.35 25.61
CA HIS B 270 -16.17 9.78 25.60
C HIS B 270 -17.41 10.10 24.78
N ASP B 271 -18.14 11.13 25.20
CA ASP B 271 -19.39 11.49 24.54
C ASP B 271 -19.19 11.83 23.07
N ASN B 272 -17.98 12.21 22.66
CA ASN B 272 -17.74 12.58 21.27
C ASN B 272 -17.46 11.36 20.39
N ILE B 273 -17.04 10.24 20.97
CA ILE B 273 -16.74 9.04 20.21
C ILE B 273 -18.03 8.24 20.04
N ILE B 274 -18.39 7.97 18.79
CA ILE B 274 -19.60 7.22 18.47
C ILE B 274 -19.34 6.03 17.57
N CYS B 275 -18.09 5.78 17.18
CA CYS B 275 -17.75 4.68 16.31
C CYS B 275 -17.17 3.51 17.11
N GLY B 276 -16.92 2.40 16.42
CA GLY B 276 -16.41 1.22 17.07
C GLY B 276 -14.90 1.23 17.22
N ILE B 277 -14.41 0.32 18.06
CA ILE B 277 -12.99 0.15 18.31
C ILE B 277 -12.52 -1.04 17.48
N THR B 278 -11.61 -0.78 16.54
CA THR B 278 -11.12 -1.84 15.66
C THR B 278 -9.96 -2.60 16.26
N SER B 279 -9.13 -1.95 17.08
CA SER B 279 -7.97 -2.59 17.67
C SER B 279 -7.64 -1.91 18.98
N VAL B 280 -7.03 -2.68 19.88
CA VAL B 280 -6.63 -2.18 21.20
C VAL B 280 -5.26 -2.76 21.53
N SER B 281 -4.44 -1.95 22.19
CA SER B 281 -3.10 -2.37 22.57
C SER B 281 -2.72 -1.71 23.90
N PHE B 282 -1.82 -2.37 24.61
CA PHE B 282 -1.33 -1.90 25.91
C PHE B 282 0.14 -1.54 25.81
N SER B 283 0.56 -0.60 26.66
CA SER B 283 1.96 -0.23 26.75
C SER B 283 2.71 -1.26 27.59
N LYS B 284 4.03 -1.07 27.70
CA LYS B 284 4.85 -1.99 28.47
C LYS B 284 4.43 -2.00 29.94
N SER B 285 4.16 -0.82 30.50
CA SER B 285 3.75 -0.70 31.89
C SER B 285 2.24 -0.82 32.08
N GLY B 286 1.48 -0.87 30.99
CA GLY B 286 0.04 -0.98 31.08
C GLY B 286 -0.69 0.29 31.49
N ARG B 287 0.02 1.40 31.67
CA ARG B 287 -0.62 2.64 32.06
C ARG B 287 -1.31 3.33 30.87
N LEU B 288 -0.81 3.11 29.66
CA LEU B 288 -1.36 3.72 28.46
C LEU B 288 -2.06 2.65 27.64
N LEU B 289 -3.31 2.91 27.28
CA LEU B 289 -4.13 2.00 26.49
C LEU B 289 -4.33 2.63 25.11
N LEU B 290 -3.81 1.98 24.07
CA LEU B 290 -3.99 2.46 22.72
C LEU B 290 -5.28 1.90 22.14
N ALA B 291 -6.06 2.76 21.49
CA ALA B 291 -7.34 2.35 20.93
C ALA B 291 -7.49 2.92 19.53
N GLY B 292 -7.65 2.03 18.55
CA GLY B 292 -7.86 2.45 17.18
C GLY B 292 -9.34 2.55 16.86
N TYR B 293 -9.72 3.68 16.28
CA TYR B 293 -11.11 4.00 16.00
C TYR B 293 -11.34 4.16 14.50
N ASP B 294 -12.60 4.11 14.11
CA ASP B 294 -12.99 4.27 12.72
C ASP B 294 -12.98 5.72 12.25
N ASP B 295 -12.61 6.66 13.13
CA ASP B 295 -12.55 8.07 12.79
C ASP B 295 -11.23 8.47 12.13
N PHE B 296 -10.49 7.50 11.59
CA PHE B 296 -9.24 7.75 10.89
C PHE B 296 -8.14 8.22 11.83
N ASN B 297 -8.15 7.72 13.07
CA ASN B 297 -7.16 8.13 14.06
C ASN B 297 -7.17 7.13 15.21
N CYS B 298 -6.15 7.22 16.06
CA CYS B 298 -6.03 6.40 17.24
C CYS B 298 -5.88 7.29 18.46
N ASN B 299 -6.32 6.80 19.61
CA ASN B 299 -6.33 7.56 20.85
C ASN B 299 -5.59 6.80 21.94
N VAL B 300 -5.13 7.55 22.95
CA VAL B 300 -4.43 7.00 24.11
C VAL B 300 -5.25 7.32 25.34
N TRP B 301 -5.52 6.29 26.15
CA TRP B 301 -6.30 6.42 27.38
C TRP B 301 -5.43 6.06 28.57
N ASP B 302 -5.75 6.66 29.71
CA ASP B 302 -5.08 6.33 30.96
C ASP B 302 -5.77 5.13 31.59
N ALA B 303 -5.02 4.04 31.77
CA ALA B 303 -5.63 2.80 32.25
C ALA B 303 -6.15 2.93 33.68
N LEU B 304 -5.56 3.81 34.48
CA LEU B 304 -5.95 3.95 35.88
C LEU B 304 -7.05 5.00 36.06
N LYS B 305 -6.78 6.24 35.67
CA LYS B 305 -7.74 7.34 35.76
C LYS B 305 -8.20 7.65 34.35
N ALA B 306 -9.32 7.03 33.96
CA ALA B 306 -9.80 7.10 32.58
C ALA B 306 -9.81 8.53 32.05
N ASP B 307 -8.97 8.80 31.05
CA ASP B 307 -8.86 10.10 30.41
C ASP B 307 -8.05 9.94 29.13
N ARG B 308 -8.47 10.65 28.08
CA ARG B 308 -7.79 10.59 26.80
C ARG B 308 -6.55 11.47 26.85
N ALA B 309 -5.38 10.84 26.75
CA ALA B 309 -4.11 11.55 26.90
C ALA B 309 -3.58 12.13 25.60
N GLY B 310 -3.92 11.54 24.46
CA GLY B 310 -3.42 12.05 23.19
C GLY B 310 -4.08 11.33 22.04
N VAL B 311 -3.82 11.86 20.84
CA VAL B 311 -4.40 11.33 19.60
C VAL B 311 -3.28 11.10 18.61
N LEU B 312 -3.44 10.07 17.78
CA LEU B 312 -2.44 9.72 16.78
C LEU B 312 -3.05 9.83 15.37
N ALA B 313 -3.77 10.90 15.11
CA ALA B 313 -4.45 11.10 13.83
C ALA B 313 -3.41 11.39 12.75
N GLY B 314 -3.03 10.34 12.01
CA GLY B 314 -2.06 10.50 10.94
C GLY B 314 -2.38 9.64 9.73
N HIS B 315 -3.60 9.13 9.66
CA HIS B 315 -4.04 8.28 8.57
C HIS B 315 -5.27 8.89 7.90
N ASP B 316 -5.54 8.44 6.67
CA ASP B 316 -6.67 8.91 5.90
C ASP B 316 -7.83 7.93 5.88
N ASN B 317 -7.65 6.73 6.43
CA ASN B 317 -8.70 5.71 6.47
C ASN B 317 -8.72 5.10 7.86
N ARG B 318 -9.62 4.14 8.07
CA ARG B 318 -9.79 3.54 9.38
C ARG B 318 -8.48 2.88 9.83
N VAL B 319 -8.21 2.98 11.13
CA VAL B 319 -7.03 2.36 11.73
C VAL B 319 -7.35 0.89 11.95
N SER B 320 -6.72 0.01 11.17
CA SER B 320 -7.06 -1.41 11.22
C SER B 320 -6.51 -2.07 12.49
N CYS B 321 -5.19 -2.02 12.67
CA CYS B 321 -4.55 -2.76 13.75
C CYS B 321 -3.48 -1.90 14.41
N LEU B 322 -3.23 -2.18 15.69
CA LEU B 322 -2.20 -1.53 16.47
C LEU B 322 -1.27 -2.58 17.06
N GLY B 323 0.01 -2.21 17.21
CA GLY B 323 0.97 -3.12 17.78
C GLY B 323 2.06 -2.42 18.56
N VAL B 324 2.28 -2.83 19.81
CA VAL B 324 3.29 -2.26 20.69
C VAL B 324 4.42 -3.27 20.82
N THR B 325 5.65 -2.82 20.58
CA THR B 325 6.80 -3.70 20.68
C THR B 325 6.93 -4.25 22.10
N ASP B 326 7.64 -5.38 22.21
CA ASP B 326 7.84 -5.99 23.52
C ASP B 326 8.55 -5.03 24.47
N ASP B 327 9.46 -4.20 23.94
CA ASP B 327 10.17 -3.23 24.75
C ASP B 327 9.40 -1.93 24.93
N GLY B 328 8.29 -1.75 24.22
CA GLY B 328 7.51 -0.53 24.36
C GLY B 328 8.21 0.72 23.88
N MET B 329 8.96 0.63 22.78
CA MET B 329 9.68 1.78 22.26
C MET B 329 8.89 2.54 21.20
N ALA B 330 8.09 1.84 20.40
CA ALA B 330 7.30 2.48 19.35
C ALA B 330 5.99 1.72 19.20
N VAL B 331 5.09 2.29 18.40
CA VAL B 331 3.78 1.71 18.15
C VAL B 331 3.54 1.71 16.64
N ALA B 332 3.31 0.53 16.08
CA ALA B 332 3.01 0.40 14.66
C ALA B 332 1.49 0.38 14.47
N THR B 333 0.99 1.34 13.72
CA THR B 333 -0.45 1.49 13.47
C THR B 333 -0.70 1.34 11.98
N GLY B 334 -1.55 0.38 11.62
CA GLY B 334 -1.93 0.15 10.24
C GLY B 334 -3.34 0.64 9.97
N SER B 335 -3.59 1.01 8.71
CA SER B 335 -4.89 1.52 8.31
C SER B 335 -5.19 1.03 6.89
N TRP B 336 -6.45 1.18 6.49
CA TRP B 336 -6.89 0.78 5.17
C TRP B 336 -6.40 1.71 4.06
N ASP B 337 -5.67 2.77 4.42
CA ASP B 337 -5.11 3.69 3.43
C ASP B 337 -3.82 3.15 2.80
N SER B 338 -3.45 1.90 3.09
CA SER B 338 -2.25 1.25 2.56
C SER B 338 -0.97 1.78 3.19
N PHE B 339 -1.05 2.37 4.38
CA PHE B 339 0.12 2.91 5.07
C PHE B 339 0.19 2.35 6.49
N LEU B 340 1.40 2.01 6.92
CA LEU B 340 1.66 1.51 8.27
C LEU B 340 2.68 2.43 8.91
N LYS B 341 2.24 3.23 9.89
CA LYS B 341 3.08 4.27 10.47
C LYS B 341 3.58 3.86 11.86
N ILE B 342 4.85 4.17 12.12
CA ILE B 342 5.50 3.86 13.38
C ILE B 342 5.60 5.15 14.18
N TRP B 343 4.79 5.26 15.24
CA TRP B 343 4.78 6.42 16.11
C TRP B 343 5.69 6.16 17.31
N ASN B 344 6.28 7.24 17.84
CA ASN B 344 7.17 7.13 18.99
C ASN B 344 7.23 8.46 19.74
N ILE C 9 -31.74 -31.54 25.16
CA ILE C 9 -31.47 -31.97 26.55
C ILE C 9 -29.99 -31.82 26.88
N ALA C 10 -29.14 -31.94 25.85
CA ALA C 10 -27.70 -31.82 26.05
C ALA C 10 -27.27 -30.36 26.10
N GLN C 11 -27.92 -29.49 25.32
CA GLN C 11 -27.55 -28.09 25.30
C GLN C 11 -27.73 -27.45 26.66
N ALA C 12 -28.93 -27.59 27.23
CA ALA C 12 -29.19 -27.00 28.55
C ALA C 12 -28.32 -27.63 29.62
N ARG C 13 -28.04 -28.93 29.50
CA ARG C 13 -27.18 -29.59 30.46
C ARG C 13 -25.77 -29.01 30.44
N LYS C 14 -25.19 -28.87 29.25
CA LYS C 14 -23.88 -28.25 29.13
C LYS C 14 -23.92 -26.80 29.61
N LEU C 15 -25.03 -26.11 29.37
CA LEU C 15 -25.13 -24.72 29.80
C LEU C 15 -25.09 -24.61 31.33
N VAL C 16 -25.90 -25.43 32.01
CA VAL C 16 -25.90 -25.39 33.47
C VAL C 16 -24.57 -25.88 34.03
N GLU C 17 -23.89 -26.78 33.31
CA GLU C 17 -22.60 -27.28 33.76
C GLU C 17 -21.57 -26.17 33.69
N GLN C 18 -21.57 -25.42 32.60
CA GLN C 18 -20.66 -24.28 32.47
C GLN C 18 -21.00 -23.22 33.51
N LEU C 19 -22.28 -22.99 33.78
CA LEU C 19 -22.67 -21.98 34.76
C LEU C 19 -22.16 -22.35 36.15
N LYS C 20 -22.36 -23.61 36.56
CA LYS C 20 -21.89 -24.00 37.89
C LYS C 20 -20.38 -24.03 37.97
N MET C 21 -19.70 -24.40 36.87
CA MET C 21 -18.25 -24.37 36.87
C MET C 21 -17.73 -22.94 37.03
N GLU C 22 -18.34 -21.98 36.33
CA GLU C 22 -17.96 -20.59 36.49
C GLU C 22 -18.31 -20.08 37.88
N ALA C 23 -19.38 -20.60 38.48
CA ALA C 23 -19.73 -20.22 39.84
C ALA C 23 -18.76 -20.77 40.86
N ASN C 24 -18.11 -21.89 40.57
CA ASN C 24 -17.11 -22.46 41.48
C ASN C 24 -15.80 -21.68 41.49
N ILE C 25 -15.70 -20.59 40.73
CA ILE C 25 -14.48 -19.81 40.71
C ILE C 25 -14.31 -19.04 42.02
N ASP C 26 -13.06 -18.83 42.42
CA ASP C 26 -12.79 -18.10 43.65
C ASP C 26 -13.21 -16.65 43.52
N ARG C 27 -13.41 -16.01 44.67
CA ARG C 27 -13.86 -14.62 44.73
C ARG C 27 -12.75 -13.74 45.27
N ILE C 28 -12.61 -12.56 44.69
CA ILE C 28 -11.61 -11.58 45.11
C ILE C 28 -12.25 -10.20 45.09
N LYS C 29 -11.87 -9.35 46.03
CA LYS C 29 -12.43 -8.01 46.12
C LYS C 29 -11.79 -7.09 45.09
N VAL C 30 -12.61 -6.22 44.50
CA VAL C 30 -12.12 -5.33 43.44
C VAL C 30 -11.08 -4.36 43.97
N SER C 31 -11.15 -4.01 45.25
CA SER C 31 -10.17 -3.09 45.82
C SER C 31 -8.76 -3.67 45.72
N LYS C 32 -8.60 -4.95 46.06
CA LYS C 32 -7.28 -5.57 45.96
C LYS C 32 -6.81 -5.64 44.51
N ALA C 33 -7.73 -5.88 43.58
CA ALA C 33 -7.37 -5.91 42.17
C ALA C 33 -6.85 -4.54 41.72
N ALA C 34 -7.56 -3.47 42.10
CA ALA C 34 -7.12 -2.13 41.74
C ALA C 34 -5.79 -1.80 42.39
N ALA C 35 -5.59 -2.22 43.64
CA ALA C 35 -4.31 -2.00 44.30
C ALA C 35 -3.18 -2.69 43.56
N ASP C 36 -3.39 -3.95 43.17
CA ASP C 36 -2.37 -4.66 42.42
C ASP C 36 -2.10 -3.99 41.07
N LEU C 37 -3.16 -3.53 40.40
CA LEU C 37 -2.98 -2.85 39.12
C LEU C 37 -2.13 -1.59 39.27
N MET C 38 -2.48 -0.73 40.24
CA MET C 38 -1.72 0.50 40.41
C MET C 38 -0.30 0.21 40.88
N ALA C 39 -0.10 -0.85 41.67
CA ALA C 39 1.25 -1.22 42.08
C ALA C 39 2.08 -1.64 40.88
N TYR C 40 1.53 -2.51 40.03
CA TYR C 40 2.25 -2.93 38.84
C TYR C 40 2.54 -1.74 37.93
N CYS C 41 1.60 -0.80 37.84
CA CYS C 41 1.81 0.38 36.99
C CYS C 41 2.95 1.23 37.53
N GLU C 42 2.89 1.61 38.81
CA GLU C 42 3.94 2.46 39.37
C GLU C 42 5.28 1.75 39.44
N ALA C 43 5.28 0.41 39.45
CA ALA C 43 6.54 -0.32 39.52
C ALA C 43 7.30 -0.26 38.20
N HIS C 44 6.59 -0.21 37.08
CA HIS C 44 7.21 -0.16 35.76
C HIS C 44 7.01 1.18 35.07
N ALA C 45 6.62 2.22 35.81
CA ALA C 45 6.41 3.53 35.20
C ALA C 45 7.70 4.06 34.57
N LYS C 46 8.82 3.90 35.26
CA LYS C 46 10.10 4.40 34.75
C LYS C 46 10.61 3.61 33.56
N GLU C 47 10.07 2.41 33.32
CA GLU C 47 10.51 1.55 32.22
C GLU C 47 9.57 1.66 31.01
N ASP C 48 8.85 2.78 30.87
CA ASP C 48 7.91 2.96 29.77
C ASP C 48 8.39 4.08 28.87
N PRO C 49 9.01 3.78 27.72
CA PRO C 49 9.44 4.85 26.81
C PRO C 49 8.31 5.76 26.35
N LEU C 50 7.06 5.32 26.44
CA LEU C 50 5.93 6.14 26.03
C LEU C 50 5.40 7.00 27.16
N LEU C 51 5.24 6.43 28.36
CA LEU C 51 4.77 7.22 29.49
C LEU C 51 5.72 8.37 29.79
N THR C 52 7.02 8.09 29.84
CA THR C 52 8.04 9.11 30.05
C THR C 52 8.87 9.29 28.78
N PRO C 53 9.30 10.51 28.47
CA PRO C 53 10.09 10.72 27.24
C PRO C 53 11.42 9.99 27.31
N VAL C 54 12.03 9.84 26.14
CA VAL C 54 13.32 9.16 26.02
C VAL C 54 14.24 10.02 25.15
N PRO C 55 15.51 10.22 25.54
CA PRO C 55 16.41 11.00 24.70
C PRO C 55 16.59 10.36 23.33
N ALA C 56 16.77 11.21 22.31
CA ALA C 56 16.98 10.72 20.96
C ALA C 56 18.36 10.09 20.77
N SER C 57 19.30 10.37 21.68
CA SER C 57 20.64 9.81 21.54
C SER C 57 20.63 8.30 21.64
N GLU C 58 19.67 7.77 22.39
CA GLU C 58 19.60 6.31 22.58
C GLU C 58 18.38 5.71 21.90
N ASN C 59 17.38 6.52 21.57
CA ASN C 59 16.18 6.01 20.94
C ASN C 59 16.53 5.38 19.59
N PRO C 60 16.16 4.12 19.36
CA PRO C 60 16.50 3.49 18.07
C PRO C 60 15.79 4.12 16.88
N PHE C 61 14.77 4.94 17.09
CA PHE C 61 14.04 5.62 16.02
C PHE C 61 14.51 7.06 16.00
N ARG C 62 15.48 7.34 15.13
CA ARG C 62 16.04 8.69 15.02
C ARG C 62 15.03 9.66 14.44
N LEU D 4 27.45 5.91 4.53
CA LEU D 4 27.12 5.37 5.88
C LEU D 4 26.48 3.99 5.74
N SER D 5 27.18 3.06 5.11
CA SER D 5 26.69 1.71 4.93
C SER D 5 27.83 0.83 4.43
N ALA D 6 27.92 -0.37 5.00
CA ALA D 6 28.92 -1.36 4.60
C ALA D 6 28.34 -2.41 3.66
N GLU D 7 27.27 -3.09 4.07
CA GLU D 7 26.58 -4.04 3.23
C GLU D 7 25.08 -3.76 3.12
N ASP D 8 24.58 -2.72 3.79
CA ASP D 8 23.17 -2.39 3.71
C ASP D 8 22.74 -2.03 2.30
N LYS D 9 23.68 -1.73 1.41
CA LYS D 9 23.33 -1.43 0.02
C LYS D 9 22.66 -2.62 -0.63
N ALA D 10 23.12 -3.83 -0.32
CA ALA D 10 22.49 -5.03 -0.86
C ALA D 10 21.06 -5.17 -0.36
N ALA D 11 20.84 -4.89 0.94
CA ALA D 11 19.49 -4.94 1.48
C ALA D 11 18.59 -3.90 0.82
N VAL D 12 19.12 -2.70 0.57
CA VAL D 12 18.32 -1.67 -0.07
C VAL D 12 18.00 -2.06 -1.52
N GLU D 13 18.96 -2.69 -2.20
CA GLU D 13 18.70 -3.16 -3.56
C GLU D 13 17.60 -4.23 -3.57
N ARG D 14 17.69 -5.18 -2.65
CA ARG D 14 16.65 -6.20 -2.54
C ARG D 14 15.30 -5.56 -2.26
N SER D 15 15.27 -4.58 -1.36
CA SER D 15 14.01 -3.92 -1.01
C SER D 15 13.42 -3.21 -2.23
N LYS D 16 14.26 -2.48 -2.98
CA LYS D 16 13.77 -1.78 -4.16
C LYS D 16 13.30 -2.76 -5.23
N MET D 17 13.98 -3.90 -5.35
CA MET D 17 13.57 -4.89 -6.34
C MET D 17 12.21 -5.50 -5.99
N ILE D 18 12.02 -5.86 -4.72
CA ILE D 18 10.72 -6.41 -4.33
C ILE D 18 9.64 -5.34 -4.36
N ASP D 19 10.01 -4.07 -4.16
CA ASP D 19 9.05 -2.98 -4.35
C ASP D 19 8.60 -2.90 -5.79
N ARG D 20 9.56 -2.98 -6.73
CA ARG D 20 9.20 -2.99 -8.15
C ARG D 20 8.32 -4.18 -8.47
N ASN D 21 8.62 -5.35 -7.89
CA ASN D 21 7.80 -6.53 -8.12
C ASN D 21 6.38 -6.32 -7.61
N LEU D 22 6.23 -5.78 -6.41
CA LEU D 22 4.90 -5.51 -5.87
C LEU D 22 4.15 -4.49 -6.72
N ARG D 23 4.86 -3.47 -7.22
CA ARG D 23 4.21 -2.49 -8.07
C ARG D 23 3.74 -3.12 -9.38
N GLU D 24 4.56 -3.99 -9.97
CA GLU D 24 4.16 -4.69 -11.18
C GLU D 24 2.93 -5.56 -10.92
N ASP D 25 2.94 -6.31 -9.82
CA ASP D 25 1.78 -7.14 -9.49
C ASP D 25 0.53 -6.29 -9.26
N GLY D 26 0.67 -5.13 -8.62
CA GLY D 26 -0.48 -4.27 -8.39
C GLY D 26 -1.04 -3.71 -9.68
N GLU D 27 -0.18 -3.19 -10.56
CA GLU D 27 -0.66 -2.67 -11.83
C GLU D 27 -1.22 -3.79 -12.71
N LYS D 28 -0.77 -5.03 -12.50
CA LYS D 28 -1.32 -6.15 -13.25
C LYS D 28 -2.72 -6.52 -12.73
N ALA D 29 -2.89 -6.57 -11.42
CA ALA D 29 -4.16 -6.91 -10.80
C ALA D 29 -5.13 -5.73 -10.78
N ALA D 30 -4.71 -4.54 -11.21
CA ALA D 30 -5.57 -3.37 -11.23
C ALA D 30 -6.42 -3.28 -12.49
N ARG D 31 -6.09 -4.04 -13.54
CA ARG D 31 -6.85 -4.05 -14.78
C ARG D 31 -7.75 -5.27 -14.90
N GLU D 32 -8.04 -5.94 -13.79
CA GLU D 32 -8.90 -7.11 -13.77
C GLU D 32 -10.19 -6.78 -13.04
N VAL D 33 -11.32 -7.01 -13.71
CA VAL D 33 -12.61 -6.72 -13.10
C VAL D 33 -12.84 -7.64 -11.92
N LYS D 34 -13.48 -7.11 -10.88
CA LYS D 34 -13.80 -7.88 -9.68
C LYS D 34 -15.31 -7.87 -9.48
N LEU D 35 -15.90 -9.06 -9.42
CA LEU D 35 -17.34 -9.22 -9.25
C LEU D 35 -17.61 -10.03 -7.98
N LEU D 36 -18.69 -9.69 -7.28
CA LEU D 36 -19.08 -10.39 -6.06
C LEU D 36 -20.41 -11.10 -6.32
N LEU D 37 -20.40 -12.43 -6.26
CA LEU D 37 -21.60 -13.22 -6.51
C LEU D 37 -22.35 -13.44 -5.21
N LEU D 38 -23.65 -13.17 -5.22
CA LEU D 38 -24.51 -13.35 -4.06
C LEU D 38 -25.83 -13.95 -4.50
N GLY D 39 -26.54 -14.54 -3.53
CA GLY D 39 -27.81 -15.18 -3.80
C GLY D 39 -28.37 -15.89 -2.59
N ALA D 40 -29.71 -16.02 -2.53
CA ALA D 40 -30.35 -16.68 -1.41
C ALA D 40 -30.15 -18.19 -1.42
N GLY D 41 -29.80 -18.76 -2.57
CA GLY D 41 -29.60 -20.19 -2.65
C GLY D 41 -28.69 -20.55 -3.81
N GLU D 42 -28.06 -21.72 -3.70
CA GLU D 42 -27.15 -22.18 -4.74
C GLU D 42 -27.85 -22.35 -6.08
N SER D 43 -29.17 -22.53 -6.08
CA SER D 43 -29.89 -22.75 -7.34
C SER D 43 -29.65 -21.62 -8.32
N GLY D 44 -29.58 -20.39 -7.82
CA GLY D 44 -29.41 -19.23 -8.69
C GLY D 44 -27.95 -18.87 -8.94
N LYS D 45 -27.06 -19.30 -8.05
CA LYS D 45 -25.65 -18.94 -8.15
C LYS D 45 -24.88 -19.95 -9.00
N SER D 46 -25.02 -21.24 -8.69
CA SER D 46 -24.25 -22.26 -9.38
C SER D 46 -24.61 -22.31 -10.86
N THR D 47 -25.86 -22.01 -11.20
CA THR D 47 -26.26 -22.03 -12.61
C THR D 47 -25.46 -21.03 -13.42
N ILE D 48 -25.29 -19.81 -12.92
CA ILE D 48 -24.47 -18.82 -13.64
C ILE D 48 -22.99 -19.13 -13.48
N VAL D 49 -22.58 -19.71 -12.36
CA VAL D 49 -21.17 -20.06 -12.18
C VAL D 49 -20.73 -21.06 -13.24
N LYS D 50 -21.57 -22.06 -13.51
CA LYS D 50 -21.23 -23.05 -14.54
C LYS D 50 -21.55 -22.54 -15.94
N GLN D 51 -22.52 -21.62 -16.07
CA GLN D 51 -22.81 -21.05 -17.39
C GLN D 51 -21.66 -20.18 -17.87
N MET D 52 -20.97 -19.50 -16.97
CA MET D 52 -19.83 -18.70 -17.36
C MET D 52 -18.66 -19.59 -17.78
N LYS D 53 -17.67 -18.98 -18.43
CA LYS D 53 -16.50 -19.71 -18.88
C LYS D 53 -15.62 -20.06 -17.68
N ILE D 54 -14.53 -20.78 -17.96
CA ILE D 54 -13.59 -21.20 -16.92
C ILE D 54 -13.09 -20.00 -16.15
N THR D 181 -14.20 -25.13 1.56
CA THR D 181 -13.19 -24.33 0.89
C THR D 181 -13.42 -22.85 1.14
N GLY D 182 -14.68 -22.46 1.16
CA GLY D 182 -15.05 -21.06 1.42
C GLY D 182 -15.27 -20.30 0.12
N ILE D 183 -14.49 -19.23 -0.07
CA ILE D 183 -14.62 -18.41 -1.27
C ILE D 183 -14.24 -19.23 -2.49
N VAL D 184 -14.87 -18.92 -3.63
CA VAL D 184 -14.57 -19.57 -4.90
C VAL D 184 -14.28 -18.47 -5.91
N GLU D 185 -13.11 -18.53 -6.54
CA GLU D 185 -12.66 -17.52 -7.48
C GLU D 185 -12.75 -18.09 -8.90
N THR D 186 -13.62 -17.51 -9.72
CA THR D 186 -13.76 -17.92 -11.11
C THR D 186 -13.22 -16.82 -12.01
N HIS D 187 -12.16 -17.12 -12.75
CA HIS D 187 -11.50 -16.16 -13.62
C HIS D 187 -11.84 -16.48 -15.08
N PHE D 188 -12.47 -15.54 -15.76
CA PHE D 188 -12.85 -15.73 -17.15
C PHE D 188 -12.60 -14.46 -17.94
N THR D 189 -12.23 -14.63 -19.21
CA THR D 189 -11.89 -13.52 -20.09
C THR D 189 -12.94 -13.42 -21.19
N PHE D 190 -13.38 -12.21 -21.47
CA PHE D 190 -14.36 -11.94 -22.53
C PHE D 190 -13.99 -10.62 -23.19
N LYS D 191 -13.83 -10.65 -24.52
CA LYS D 191 -13.46 -9.46 -25.29
C LYS D 191 -12.29 -8.73 -24.63
N ASP D 192 -11.17 -9.46 -24.51
CA ASP D 192 -9.92 -8.99 -23.92
C ASP D 192 -10.12 -8.29 -22.58
N LEU D 193 -11.17 -8.62 -21.84
CA LEU D 193 -11.42 -8.07 -20.52
C LEU D 193 -11.56 -9.22 -19.52
N HIS D 194 -10.78 -9.15 -18.44
CA HIS D 194 -10.74 -10.21 -17.44
C HIS D 194 -11.74 -9.92 -16.32
N PHE D 195 -12.34 -11.00 -15.80
CA PHE D 195 -13.30 -10.91 -14.72
C PHE D 195 -13.01 -12.01 -13.70
N LYS D 196 -12.92 -11.62 -12.43
CA LYS D 196 -12.77 -12.55 -11.32
C LYS D 196 -14.03 -12.46 -10.48
N MET D 197 -14.84 -13.51 -10.52
CA MET D 197 -16.07 -13.59 -9.73
C MET D 197 -15.77 -14.32 -8.43
N PHE D 198 -16.08 -13.69 -7.31
CA PHE D 198 -15.86 -14.25 -5.98
C PHE D 198 -17.21 -14.68 -5.44
N ASP D 199 -17.38 -16.00 -5.25
CA ASP D 199 -18.57 -16.55 -4.65
C ASP D 199 -18.30 -16.88 -3.19
N VAL D 200 -19.11 -16.32 -2.30
CA VAL D 200 -18.91 -16.46 -0.86
C VAL D 200 -20.14 -17.13 -0.25
N GLY D 201 -20.80 -17.98 -1.03
CA GLY D 201 -21.99 -18.65 -0.54
C GLY D 201 -21.70 -19.63 0.59
N ALA D 202 -20.55 -20.31 0.52
CA ALA D 202 -20.21 -21.28 1.56
C ALA D 202 -19.97 -20.63 2.92
N GLN D 203 -19.67 -19.34 2.95
CA GLN D 203 -19.41 -18.63 4.19
C GLN D 203 -20.74 -18.35 4.88
N ARG D 204 -21.10 -19.20 5.83
CA ARG D 204 -22.34 -19.06 6.59
C ARG D 204 -22.17 -18.17 7.82
N SER D 205 -21.01 -17.56 8.00
CA SER D 205 -20.74 -16.71 9.14
C SER D 205 -21.47 -15.38 8.97
N GLU D 206 -21.25 -14.45 9.91
CA GLU D 206 -21.91 -13.15 9.85
C GLU D 206 -21.41 -12.38 8.63
N ARG D 207 -22.35 -11.96 7.77
CA ARG D 207 -21.98 -11.24 6.56
C ARG D 207 -21.40 -9.87 6.89
N LYS D 208 -21.84 -9.25 7.99
CA LYS D 208 -21.37 -7.92 8.33
C LYS D 208 -19.89 -7.88 8.65
N LYS D 209 -19.27 -9.03 8.92
CA LYS D 209 -17.86 -9.07 9.32
C LYS D 209 -16.92 -9.37 8.17
N TRP D 210 -17.42 -9.76 7.00
CA TRP D 210 -16.58 -9.99 5.83
C TRP D 210 -17.10 -9.33 4.56
N ILE D 211 -18.23 -8.63 4.62
CA ILE D 211 -18.73 -7.94 3.44
C ILE D 211 -17.98 -6.65 3.17
N HIS D 212 -17.38 -6.05 4.21
CA HIS D 212 -16.61 -4.81 4.01
C HIS D 212 -15.37 -5.03 3.16
N CYS D 213 -14.91 -6.28 3.02
CA CYS D 213 -13.72 -6.53 2.22
C CYS D 213 -13.97 -6.27 0.74
N PHE D 214 -15.21 -6.47 0.28
CA PHE D 214 -15.57 -6.27 -1.12
C PHE D 214 -16.03 -4.85 -1.40
N GLU D 215 -15.62 -3.88 -0.58
CA GLU D 215 -16.03 -2.49 -0.81
C GLU D 215 -15.59 -2.01 -2.19
N GLY D 216 -14.39 -2.38 -2.61
CA GLY D 216 -13.87 -1.95 -3.90
C GLY D 216 -14.20 -2.91 -5.03
N VAL D 217 -15.34 -3.60 -4.92
CA VAL D 217 -15.76 -4.54 -5.95
C VAL D 217 -16.35 -3.76 -7.12
N THR D 218 -16.14 -4.27 -8.33
CA THR D 218 -16.65 -3.59 -9.51
C THR D 218 -18.16 -3.68 -9.58
N ALA D 219 -18.72 -4.86 -9.29
CA ALA D 219 -20.16 -5.04 -9.34
C ALA D 219 -20.55 -6.23 -8.47
N ILE D 220 -21.83 -6.26 -8.10
CA ILE D 220 -22.40 -7.33 -7.29
C ILE D 220 -23.47 -8.03 -8.12
N ILE D 221 -23.23 -9.29 -8.46
CA ILE D 221 -24.16 -10.09 -9.23
C ILE D 221 -25.04 -10.85 -8.25
N PHE D 222 -26.29 -10.41 -8.10
CA PHE D 222 -27.24 -11.02 -7.19
C PHE D 222 -28.19 -11.91 -8.00
N CYS D 223 -28.19 -13.20 -7.69
CA CYS D 223 -29.00 -14.18 -8.41
C CYS D 223 -30.23 -14.52 -7.58
N VAL D 224 -31.40 -14.54 -8.22
CA VAL D 224 -32.65 -14.90 -7.57
C VAL D 224 -33.39 -15.87 -8.47
N ALA D 225 -33.86 -16.97 -7.89
CA ALA D 225 -34.59 -18.00 -8.63
C ALA D 225 -36.07 -17.65 -8.63
N LEU D 226 -36.61 -17.35 -9.81
CA LEU D 226 -38.03 -17.05 -9.92
C LEU D 226 -38.88 -18.25 -9.54
N SER D 227 -38.39 -19.47 -9.83
CA SER D 227 -39.12 -20.69 -9.48
C SER D 227 -38.84 -21.06 -8.03
N ASP D 228 -39.06 -20.13 -7.11
CA ASP D 228 -38.81 -20.38 -5.70
C ASP D 228 -39.89 -19.83 -4.78
N TYR D 229 -40.93 -19.18 -5.31
CA TYR D 229 -41.96 -18.61 -4.46
C TYR D 229 -42.89 -19.65 -3.88
N ASP D 230 -43.00 -20.83 -4.51
CA ASP D 230 -43.87 -21.90 -4.03
C ASP D 230 -43.07 -23.10 -3.56
N LEU D 231 -41.87 -22.86 -3.03
CA LEU D 231 -40.99 -23.90 -2.52
C LEU D 231 -40.56 -23.59 -1.09
N VAL D 232 -41.52 -23.19 -0.26
CA VAL D 232 -41.24 -22.86 1.12
C VAL D 232 -40.72 -24.09 1.86
N ASN D 240 -41.70 -17.77 0.89
CA ASN D 240 -40.78 -17.43 1.97
C ASN D 240 -39.36 -17.29 1.44
N ARG D 241 -39.02 -18.11 0.43
CA ARG D 241 -37.70 -18.03 -0.16
C ARG D 241 -37.46 -16.68 -0.82
N MET D 242 -38.43 -16.22 -1.63
CA MET D 242 -38.30 -14.91 -2.25
C MET D 242 -38.27 -13.80 -1.20
N HIS D 243 -38.93 -14.01 -0.05
CA HIS D 243 -38.85 -13.03 1.01
C HIS D 243 -37.43 -12.91 1.55
N GLU D 244 -36.76 -14.03 1.78
CA GLU D 244 -35.37 -13.99 2.23
C GLU D 244 -34.48 -13.39 1.15
N SER D 245 -34.75 -13.70 -0.12
CA SER D 245 -33.97 -13.10 -1.21
C SER D 245 -34.11 -11.59 -1.22
N MET D 246 -35.34 -11.09 -1.07
CA MET D 246 -35.55 -9.65 -1.04
C MET D 246 -34.90 -9.01 0.18
N LYS D 247 -34.96 -9.69 1.32
CA LYS D 247 -34.29 -9.19 2.52
C LYS D 247 -32.79 -9.04 2.28
N LEU D 248 -32.17 -10.08 1.72
CA LEU D 248 -30.74 -10.02 1.45
C LEU D 248 -30.41 -8.93 0.44
N PHE D 249 -31.25 -8.79 -0.60
CA PHE D 249 -31.02 -7.76 -1.60
C PHE D 249 -31.10 -6.37 -0.99
N ASP D 250 -32.10 -6.14 -0.13
CA ASP D 250 -32.22 -4.84 0.53
C ASP D 250 -31.04 -4.59 1.47
N SER D 251 -30.59 -5.62 2.16
CA SER D 251 -29.46 -5.45 3.08
C SER D 251 -28.19 -5.11 2.33
N ILE D 252 -27.91 -5.80 1.22
CA ILE D 252 -26.69 -5.56 0.47
C ILE D 252 -26.79 -4.32 -0.42
N CYS D 253 -28.00 -3.82 -0.66
CA CYS D 253 -28.16 -2.65 -1.53
C CYS D 253 -28.01 -1.36 -0.74
N ASN D 254 -28.65 -1.28 0.43
CA ASN D 254 -28.59 -0.10 1.29
C ASN D 254 -27.47 -0.20 2.32
N ASN D 255 -26.41 -0.94 2.03
CA ASN D 255 -25.31 -1.10 2.97
C ASN D 255 -24.38 0.10 2.92
N LYS D 256 -23.57 0.24 3.97
CA LYS D 256 -22.66 1.37 4.07
C LYS D 256 -21.55 1.30 3.02
N TRP D 257 -21.11 0.09 2.67
CA TRP D 257 -19.99 -0.06 1.75
C TRP D 257 -20.41 -0.07 0.29
N PHE D 258 -21.64 -0.50 0.00
CA PHE D 258 -22.15 -0.57 -1.36
C PHE D 258 -23.06 0.61 -1.69
N THR D 259 -22.76 1.80 -1.16
CA THR D 259 -23.60 2.96 -1.41
C THR D 259 -23.69 3.28 -2.91
N ASP D 260 -22.64 3.01 -3.67
CA ASP D 260 -22.62 3.30 -5.09
C ASP D 260 -22.22 2.12 -5.95
N THR D 261 -22.09 0.93 -5.38
CA THR D 261 -21.70 -0.25 -6.15
C THR D 261 -22.86 -0.70 -7.03
N SER D 262 -22.57 -1.01 -8.29
CA SER D 262 -23.60 -1.47 -9.21
C SER D 262 -24.03 -2.89 -8.87
N ILE D 263 -25.32 -3.16 -9.05
CA ILE D 263 -25.91 -4.46 -8.75
C ILE D 263 -26.59 -4.98 -10.00
N ILE D 264 -26.21 -6.18 -10.41
CA ILE D 264 -26.81 -6.86 -11.56
C ILE D 264 -27.70 -7.97 -11.00
N LEU D 265 -29.01 -7.82 -11.17
CA LEU D 265 -29.99 -8.76 -10.63
C LEU D 265 -30.34 -9.76 -11.73
N PHE D 266 -29.91 -11.00 -11.57
CA PHE D 266 -30.21 -12.07 -12.52
C PHE D 266 -31.37 -12.90 -11.98
N LEU D 267 -32.52 -12.81 -12.66
CA LEU D 267 -33.70 -13.58 -12.29
C LEU D 267 -33.70 -14.86 -13.11
N ASN D 268 -33.16 -15.93 -12.52
CA ASN D 268 -33.03 -17.21 -13.21
C ASN D 268 -34.32 -18.01 -13.09
N LYS D 269 -34.29 -19.23 -13.62
CA LYS D 269 -35.43 -20.14 -13.58
C LYS D 269 -36.66 -19.52 -14.25
N LYS D 270 -36.48 -19.08 -15.50
CA LYS D 270 -37.58 -18.47 -16.23
C LYS D 270 -38.58 -19.53 -16.70
N ASP D 271 -38.08 -20.65 -17.21
CA ASP D 271 -38.99 -21.69 -17.73
C ASP D 271 -39.82 -22.30 -16.61
N LEU D 272 -39.17 -22.69 -15.51
CA LEU D 272 -39.92 -23.26 -14.39
C LEU D 272 -40.92 -22.26 -13.81
N PHE D 273 -40.55 -20.98 -13.76
CA PHE D 273 -41.49 -19.98 -13.27
C PHE D 273 -42.69 -19.84 -14.19
N GLU D 274 -42.44 -19.78 -15.51
CA GLU D 274 -43.54 -19.69 -16.46
C GLU D 274 -44.44 -20.93 -16.39
N GLU D 275 -43.86 -22.09 -16.06
CA GLU D 275 -44.66 -23.30 -15.97
C GLU D 275 -45.48 -23.35 -14.69
N LYS D 276 -44.91 -22.88 -13.57
CA LYS D 276 -45.60 -23.01 -12.29
C LYS D 276 -46.58 -21.86 -12.05
N ILE D 277 -46.37 -20.71 -12.67
CA ILE D 277 -47.27 -19.58 -12.46
C ILE D 277 -48.69 -19.95 -12.87
N LYS D 278 -48.84 -20.88 -13.81
CA LYS D 278 -50.18 -21.32 -14.22
C LYS D 278 -50.86 -22.10 -13.12
N LYS D 279 -50.09 -22.85 -12.33
CA LYS D 279 -50.64 -23.71 -11.29
C LYS D 279 -50.73 -22.98 -9.95
N SER D 280 -49.61 -22.49 -9.44
CA SER D 280 -49.57 -21.84 -8.14
C SER D 280 -49.85 -20.35 -8.31
N PRO D 281 -50.93 -19.81 -7.74
CA PRO D 281 -51.17 -18.37 -7.83
C PRO D 281 -50.04 -17.58 -7.17
N LEU D 282 -49.63 -16.50 -7.84
CA LEU D 282 -48.57 -15.65 -7.30
C LEU D 282 -48.99 -14.96 -6.01
N THR D 283 -50.29 -14.90 -5.72
CA THR D 283 -50.76 -14.22 -4.52
C THR D 283 -50.17 -14.80 -3.25
N ILE D 284 -49.68 -16.04 -3.29
CA ILE D 284 -49.11 -16.66 -2.10
C ILE D 284 -47.91 -15.86 -1.62
N CYS D 285 -47.13 -15.30 -2.55
CA CYS D 285 -45.96 -14.53 -2.21
C CYS D 285 -46.28 -13.04 -2.05
N TYR D 286 -47.06 -12.49 -2.98
CA TYR D 286 -47.47 -11.08 -2.94
C TYR D 286 -48.98 -11.01 -2.72
N PRO D 287 -49.44 -10.91 -1.47
CA PRO D 287 -50.90 -10.85 -1.25
C PRO D 287 -51.56 -9.65 -1.89
N GLU D 288 -50.81 -8.63 -2.30
CA GLU D 288 -51.35 -7.42 -2.91
C GLU D 288 -51.06 -7.39 -4.42
N TYR D 289 -51.10 -8.55 -5.05
CA TYR D 289 -50.87 -8.67 -6.50
C TYR D 289 -52.23 -8.80 -7.17
N ALA D 290 -52.82 -7.65 -7.53
CA ALA D 290 -54.11 -7.62 -8.21
C ALA D 290 -53.87 -7.53 -9.71
N GLY D 291 -53.46 -8.67 -10.29
CA GLY D 291 -53.19 -8.73 -11.71
C GLY D 291 -53.41 -10.11 -12.29
N SER D 292 -53.00 -10.30 -13.53
CA SER D 292 -53.15 -11.59 -14.19
C SER D 292 -51.97 -12.49 -13.89
N ASN D 293 -52.18 -13.80 -14.08
CA ASN D 293 -51.15 -14.80 -13.83
C ASN D 293 -50.23 -15.00 -15.03
N THR D 294 -50.20 -14.06 -15.98
CA THR D 294 -49.32 -14.18 -17.12
C THR D 294 -47.88 -13.91 -16.71
N TYR D 295 -46.94 -14.33 -17.57
CA TYR D 295 -45.53 -14.14 -17.29
C TYR D 295 -45.10 -12.70 -17.55
N GLU D 296 -45.49 -12.14 -18.70
CA GLU D 296 -45.05 -10.79 -19.06
C GLU D 296 -45.52 -9.73 -18.07
N GLU D 297 -46.43 -10.08 -17.16
CA GLU D 297 -46.89 -9.15 -16.13
C GLU D 297 -46.38 -9.51 -14.74
N ALA D 298 -46.40 -10.80 -14.37
CA ALA D 298 -45.86 -11.20 -13.08
C ALA D 298 -44.37 -10.93 -12.99
N ALA D 299 -43.63 -11.19 -14.08
CA ALA D 299 -42.20 -10.89 -14.09
C ALA D 299 -41.95 -9.40 -13.92
N ALA D 300 -42.75 -8.56 -14.60
CA ALA D 300 -42.59 -7.12 -14.46
C ALA D 300 -42.91 -6.67 -13.04
N TYR D 301 -43.93 -7.27 -12.42
CA TYR D 301 -44.28 -6.91 -11.05
C TYR D 301 -43.16 -7.31 -10.09
N ILE D 302 -42.57 -8.48 -10.30
CA ILE D 302 -41.45 -8.92 -9.45
C ILE D 302 -40.26 -7.98 -9.63
N GLN D 303 -39.98 -7.61 -10.88
CA GLN D 303 -38.87 -6.69 -11.14
C GLN D 303 -39.11 -5.35 -10.45
N CYS D 304 -40.35 -4.85 -10.51
CA CYS D 304 -40.66 -3.58 -9.85
C CYS D 304 -40.48 -3.70 -8.34
N GLN D 305 -40.97 -4.79 -7.76
CA GLN D 305 -40.84 -4.98 -6.32
C GLN D 305 -39.38 -5.08 -5.90
N PHE D 306 -38.54 -5.69 -6.74
CA PHE D 306 -37.13 -5.81 -6.42
C PHE D 306 -36.42 -4.47 -6.57
N GLU D 307 -36.79 -3.69 -7.59
CA GLU D 307 -36.14 -2.40 -7.82
C GLU D 307 -36.61 -1.32 -6.85
N ASP D 308 -37.79 -1.49 -6.24
CA ASP D 308 -38.28 -0.51 -5.28
C ASP D 308 -37.63 -0.64 -3.91
N LEU D 309 -36.63 -1.51 -3.76
CA LEU D 309 -35.97 -1.69 -2.47
C LEU D 309 -34.87 -0.66 -2.22
N ASN D 310 -34.28 -0.10 -3.27
CA ASN D 310 -33.20 0.87 -3.14
C ASN D 310 -33.78 2.20 -2.65
N LYS D 311 -33.58 2.50 -1.37
CA LYS D 311 -34.08 3.76 -0.82
C LYS D 311 -33.46 4.95 -1.52
N ARG D 312 -32.21 4.83 -1.97
CA ARG D 312 -31.51 5.86 -2.72
C ARG D 312 -31.31 5.39 -4.14
N LYS D 313 -32.00 6.02 -5.10
CA LYS D 313 -32.03 5.56 -6.48
C LYS D 313 -31.14 6.36 -7.41
N ASP D 314 -30.80 7.60 -7.06
CA ASP D 314 -30.02 8.44 -7.97
C ASP D 314 -28.53 8.07 -7.97
N THR D 315 -28.05 7.41 -6.92
CA THR D 315 -26.64 7.08 -6.80
C THR D 315 -26.31 5.66 -7.24
N LYS D 316 -27.34 4.80 -7.30
CA LYS D 316 -27.15 3.38 -7.66
C LYS D 316 -27.82 2.95 -8.94
N GLU D 317 -27.26 1.94 -9.61
CA GLU D 317 -27.89 1.41 -10.82
C GLU D 317 -28.20 -0.08 -10.68
N ILE D 318 -29.44 -0.48 -10.94
CA ILE D 318 -29.80 -1.88 -10.86
C ILE D 318 -29.98 -2.49 -12.25
N TYR D 319 -29.22 -3.54 -12.56
CA TYR D 319 -29.28 -4.14 -13.88
C TYR D 319 -30.10 -5.42 -13.85
N THR D 320 -31.42 -5.29 -13.87
CA THR D 320 -32.31 -6.44 -13.78
C THR D 320 -32.36 -7.17 -15.12
N HIS D 321 -32.42 -8.49 -15.07
CA HIS D 321 -32.45 -9.30 -16.27
C HIS D 321 -32.99 -10.69 -15.92
N PHE D 322 -33.59 -11.33 -16.92
CA PHE D 322 -34.13 -12.67 -16.78
C PHE D 322 -33.25 -13.66 -17.53
N THR D 323 -33.00 -14.81 -16.92
CA THR D 323 -32.09 -15.80 -17.48
C THR D 323 -32.65 -17.20 -17.28
N CYS D 324 -31.98 -18.17 -17.88
CA CYS D 324 -32.33 -19.57 -17.77
C CYS D 324 -31.05 -20.39 -17.88
N SER D 325 -31.20 -21.69 -18.12
CA SER D 325 -30.05 -22.58 -18.19
C SER D 325 -29.36 -22.59 -19.56
N THR D 326 -29.97 -21.98 -20.58
CA THR D 326 -29.43 -21.99 -21.94
C THR D 326 -29.50 -20.61 -22.56
N ASP D 327 -29.06 -19.59 -21.81
CA ASP D 327 -29.10 -18.18 -22.28
C ASP D 327 -27.85 -17.76 -23.05
N THR D 328 -26.64 -18.07 -22.56
CA THR D 328 -25.34 -17.80 -23.18
C THR D 328 -25.14 -16.32 -23.48
N LYS D 329 -26.08 -15.45 -23.12
CA LYS D 329 -25.98 -14.03 -23.38
C LYS D 329 -25.63 -13.22 -22.14
N ASN D 330 -25.75 -13.81 -20.95
CA ASN D 330 -25.47 -13.07 -19.72
C ASN D 330 -24.04 -12.51 -19.72
N VAL D 331 -23.14 -13.14 -20.47
CA VAL D 331 -21.76 -12.66 -20.52
C VAL D 331 -21.73 -11.23 -21.07
N GLN D 332 -22.42 -11.00 -22.19
CA GLN D 332 -22.46 -9.66 -22.77
C GLN D 332 -23.17 -8.68 -21.84
N PHE D 333 -24.19 -9.13 -21.12
CA PHE D 333 -24.89 -8.26 -20.18
C PHE D 333 -23.95 -7.79 -19.07
N VAL D 334 -23.20 -8.72 -18.48
CA VAL D 334 -22.24 -8.35 -17.45
C VAL D 334 -21.14 -7.47 -18.03
N PHE D 335 -20.73 -7.75 -19.26
CA PHE D 335 -19.71 -6.93 -19.90
C PHE D 335 -20.19 -5.48 -20.06
N ASP D 336 -21.43 -5.30 -20.50
CA ASP D 336 -21.97 -3.95 -20.63
C ASP D 336 -22.10 -3.28 -19.27
N ALA D 337 -22.59 -4.01 -18.27
CA ALA D 337 -22.72 -3.43 -16.94
C ALA D 337 -21.37 -3.01 -16.37
N VAL D 338 -20.31 -3.73 -16.72
CA VAL D 338 -18.98 -3.37 -16.22
C VAL D 338 -18.40 -2.22 -17.03
N THR D 339 -18.65 -2.19 -18.34
CA THR D 339 -18.16 -1.08 -19.14
C THR D 339 -18.82 0.23 -18.73
N ASP D 340 -20.07 0.17 -18.29
CA ASP D 340 -20.74 1.39 -17.82
C ASP D 340 -20.01 1.95 -16.59
N VAL D 341 -19.70 1.08 -15.64
CA VAL D 341 -19.01 1.52 -14.44
C VAL D 341 -17.59 1.99 -14.79
N ILE D 342 -16.96 1.36 -15.77
CA ILE D 342 -15.63 1.79 -16.20
C ILE D 342 -15.69 3.18 -16.80
N ILE D 343 -16.72 3.46 -17.62
CA ILE D 343 -16.88 4.80 -18.18
C ILE D 343 -17.14 5.80 -17.08
N LYS D 344 -17.92 5.42 -16.07
CA LYS D 344 -18.17 6.32 -14.94
C LYS D 344 -16.87 6.64 -14.21
N ASN D 345 -16.05 5.62 -13.95
CA ASN D 345 -14.77 5.85 -13.27
C ASN D 345 -13.84 6.72 -14.11
N ASN D 346 -13.85 6.51 -15.43
CA ASN D 346 -13.02 7.35 -16.29
C ASN D 346 -13.49 8.80 -16.26
N LEU D 347 -14.80 9.03 -16.36
CA LEU D 347 -15.32 10.39 -16.24
C LEU D 347 -14.92 11.01 -14.91
N LYS D 348 -14.93 10.22 -13.84
CA LYS D 348 -14.47 10.72 -12.54
C LYS D 348 -13.00 11.11 -12.59
N ASP D 349 -12.15 10.25 -13.14
CA ASP D 349 -10.72 10.52 -13.17
C ASP D 349 -10.36 11.61 -14.18
N CYS D 350 -11.08 11.67 -15.31
CA CYS D 350 -10.79 12.64 -16.35
C CYS D 350 -11.12 14.07 -15.93
N GLY D 351 -11.71 14.28 -14.76
CA GLY D 351 -12.05 15.59 -14.30
C GLY D 351 -13.52 15.96 -14.44
N LEU D 352 -14.41 14.98 -14.52
CA LEU D 352 -15.83 15.21 -14.70
C LEU D 352 -16.60 14.57 -13.56
N PHE D 353 -17.81 15.09 -13.32
CA PHE D 353 -18.72 14.66 -12.24
C PHE D 353 -18.50 15.05 -10.78
N VAL E 1 20.77 -28.12 -2.77
CA VAL E 1 21.60 -27.11 -3.49
C VAL E 1 22.73 -27.80 -4.24
N GLN E 2 23.20 -27.17 -5.31
CA GLN E 2 24.27 -27.74 -6.12
C GLN E 2 24.82 -26.66 -7.04
N LEU E 3 26.14 -26.52 -7.06
CA LEU E 3 26.83 -25.56 -7.91
C LEU E 3 27.97 -26.29 -8.62
N VAL E 4 27.86 -26.42 -9.94
CA VAL E 4 28.83 -27.16 -10.75
C VAL E 4 29.57 -26.17 -11.64
N GLU E 5 30.89 -26.14 -11.53
CA GLU E 5 31.72 -25.27 -12.34
C GLU E 5 32.31 -26.04 -13.52
N SER E 6 32.44 -25.36 -14.65
CA SER E 6 32.99 -25.97 -15.86
C SER E 6 33.73 -24.91 -16.66
N GLY E 7 34.73 -25.33 -17.41
CA GLY E 7 35.51 -24.43 -18.24
C GLY E 7 36.97 -24.35 -17.83
N GLY E 8 37.37 -25.19 -16.88
CA GLY E 8 38.74 -25.20 -16.40
C GLY E 8 39.66 -26.00 -17.31
N GLY E 9 40.90 -26.16 -16.83
CA GLY E 9 41.90 -26.91 -17.56
C GLY E 9 43.14 -26.10 -17.83
N LEU E 10 43.90 -26.49 -18.86
CA LEU E 10 45.12 -25.79 -19.23
C LEU E 10 44.78 -24.69 -20.23
N VAL E 11 45.02 -23.44 -19.86
CA VAL E 11 44.74 -22.28 -20.70
C VAL E 11 46.06 -21.59 -21.02
N GLN E 12 46.25 -21.23 -22.28
CA GLN E 12 47.47 -20.55 -22.69
C GLN E 12 47.49 -19.12 -22.15
N PRO E 13 48.67 -18.55 -21.94
CA PRO E 13 48.75 -17.18 -21.43
C PRO E 13 48.31 -16.18 -22.48
N GLY E 14 47.33 -15.35 -22.13
CA GLY E 14 46.80 -14.35 -23.03
C GLY E 14 45.52 -14.74 -23.74
N GLY E 15 45.16 -16.02 -23.72
CA GLY E 15 43.95 -16.46 -24.39
C GLY E 15 42.69 -16.12 -23.60
N SER E 16 41.56 -16.34 -24.25
CA SER E 16 40.26 -16.08 -23.67
C SER E 16 39.61 -17.38 -23.23
N ARG E 17 38.76 -17.30 -22.20
CA ARG E 17 38.10 -18.50 -21.69
C ARG E 17 36.82 -18.10 -20.96
N LYS E 18 35.78 -18.90 -21.13
CA LYS E 18 34.50 -18.69 -20.47
C LYS E 18 34.27 -19.80 -19.46
N LEU E 19 34.01 -19.42 -18.21
CA LEU E 19 33.68 -20.35 -17.15
C LEU E 19 32.19 -20.30 -16.85
N SER E 20 31.57 -21.46 -16.70
CA SER E 20 30.14 -21.58 -16.48
C SER E 20 29.89 -22.21 -15.12
N CYS E 21 29.14 -21.51 -14.27
CA CYS E 21 28.72 -22.02 -12.96
C CYS E 21 27.22 -22.29 -13.04
N SER E 22 26.86 -23.57 -13.11
CA SER E 22 25.47 -23.97 -13.18
C SER E 22 24.94 -24.24 -11.77
N ALA E 23 23.84 -23.60 -11.42
CA ALA E 23 23.22 -23.72 -10.11
C ALA E 23 21.93 -24.53 -10.20
N SER E 24 21.59 -25.21 -9.10
CA SER E 24 20.37 -25.99 -9.04
C SER E 24 19.98 -26.18 -7.59
N GLY E 25 18.67 -26.22 -7.35
CA GLY E 25 18.14 -26.49 -6.03
C GLY E 25 17.82 -25.28 -5.18
N PHE E 26 17.59 -24.11 -5.78
CA PHE E 26 17.23 -22.91 -5.04
C PHE E 26 16.90 -21.81 -6.05
N ALA E 27 16.38 -20.71 -5.52
CA ALA E 27 15.99 -19.56 -6.34
C ALA E 27 17.25 -18.81 -6.75
N PHE E 28 17.86 -19.27 -7.85
CA PHE E 28 19.09 -18.66 -8.33
C PHE E 28 18.92 -17.16 -8.58
N SER E 29 17.72 -16.75 -8.96
CA SER E 29 17.49 -15.33 -9.26
C SER E 29 17.56 -14.46 -8.03
N SER E 30 17.29 -15.03 -6.84
CA SER E 30 17.26 -14.27 -5.60
C SER E 30 18.51 -14.50 -4.76
N PHE E 31 19.63 -14.85 -5.39
CA PHE E 31 20.88 -15.08 -4.68
C PHE E 31 22.01 -14.37 -5.40
N GLY E 32 22.80 -13.60 -4.66
CA GLY E 32 24.02 -13.02 -5.21
C GLY E 32 25.09 -14.08 -5.36
N MET E 33 25.97 -13.86 -6.33
CA MET E 33 27.03 -14.82 -6.64
C MET E 33 28.39 -14.15 -6.55
N HIS E 34 29.36 -14.89 -6.03
CA HIS E 34 30.74 -14.44 -5.90
C HIS E 34 31.67 -15.45 -6.56
N TRP E 35 32.86 -14.98 -6.93
CA TRP E 35 33.94 -15.83 -7.42
C TRP E 35 35.12 -15.70 -6.47
N VAL E 36 35.53 -16.82 -5.88
CA VAL E 36 36.61 -16.84 -4.90
C VAL E 36 37.67 -17.83 -5.38
N ARG E 37 38.81 -17.31 -5.80
CA ARG E 37 39.91 -18.13 -6.30
C ARG E 37 40.75 -18.65 -5.13
N GLN E 38 41.58 -19.65 -5.43
CA GLN E 38 42.48 -20.23 -4.43
C GLN E 38 43.67 -20.82 -5.18
N ALA E 39 44.80 -20.10 -5.15
CA ALA E 39 45.99 -20.58 -5.82
C ALA E 39 46.57 -21.78 -5.09
N PRO E 40 47.43 -22.56 -5.76
CA PRO E 40 48.01 -23.75 -5.11
C PRO E 40 48.78 -23.38 -3.86
N GLU E 41 48.34 -23.93 -2.73
CA GLU E 41 49.00 -23.73 -1.44
C GLU E 41 49.04 -22.25 -1.08
N LYS E 42 47.91 -21.57 -1.23
CA LYS E 42 47.79 -20.17 -0.89
C LYS E 42 46.37 -19.89 -0.40
N GLY E 43 46.19 -18.69 0.16
CA GLY E 43 44.90 -18.33 0.71
C GLY E 43 43.88 -17.96 -0.37
N LEU E 44 42.64 -17.82 0.06
CA LEU E 44 41.56 -17.47 -0.83
C LEU E 44 41.68 -16.01 -1.28
N GLU E 45 40.86 -15.64 -2.26
CA GLU E 45 40.87 -14.28 -2.79
C GLU E 45 39.61 -14.07 -3.61
N TRP E 46 38.94 -12.94 -3.37
CA TRP E 46 37.73 -12.60 -4.11
C TRP E 46 38.08 -12.08 -5.50
N VAL E 47 37.22 -12.40 -6.47
CA VAL E 47 37.47 -12.05 -7.86
C VAL E 47 36.40 -11.08 -8.35
N ALA E 48 35.15 -11.50 -8.34
CA ALA E 48 34.06 -10.68 -8.84
C ALA E 48 32.76 -11.09 -8.14
N TYR E 49 31.72 -10.29 -8.34
CA TYR E 49 30.44 -10.53 -7.68
C TYR E 49 29.32 -9.88 -8.46
N ILE E 50 28.18 -10.57 -8.51
CA ILE E 50 26.93 -10.03 -9.06
C ILE E 50 25.87 -10.11 -7.98
N SER E 51 25.02 -9.09 -7.90
CA SER E 51 23.94 -9.07 -6.93
C SER E 51 22.69 -9.70 -7.51
N SER E 52 21.64 -9.75 -6.69
CA SER E 52 20.37 -10.32 -7.12
C SER E 52 19.82 -9.57 -8.33
N GLY E 53 19.52 -10.31 -9.39
CA GLY E 53 18.96 -9.70 -10.58
C GLY E 53 19.93 -8.86 -11.38
N SER E 54 21.23 -8.99 -11.13
CA SER E 54 22.24 -8.23 -11.84
C SER E 54 21.99 -6.73 -11.72
N GLY E 55 21.79 -6.27 -10.50
CA GLY E 55 21.53 -4.86 -10.25
C GLY E 55 22.78 -4.08 -9.90
N THR E 56 23.78 -4.76 -9.34
CA THR E 56 25.04 -4.12 -8.95
C THR E 56 26.15 -5.14 -9.09
N ILE E 57 27.12 -4.86 -9.97
CA ILE E 57 28.25 -5.74 -10.20
C ILE E 57 29.47 -5.13 -9.52
N TYR E 58 30.35 -6.00 -9.02
CA TYR E 58 31.58 -5.57 -8.37
C TYR E 58 32.74 -6.42 -8.87
N TYR E 59 33.89 -5.77 -9.06
CA TYR E 59 35.11 -6.44 -9.50
C TYR E 59 36.24 -6.09 -8.54
N ALA E 60 37.27 -6.93 -8.54
CA ALA E 60 38.45 -6.72 -7.71
C ALA E 60 39.44 -5.84 -8.45
N ASP E 61 39.99 -4.85 -7.73
CA ASP E 61 40.96 -3.93 -8.34
C ASP E 61 42.20 -4.67 -8.83
N THR E 62 42.50 -5.84 -8.27
CA THR E 62 43.69 -6.58 -8.70
C THR E 62 43.53 -7.15 -10.10
N VAL E 63 42.30 -7.48 -10.50
CA VAL E 63 42.05 -8.07 -11.81
C VAL E 63 40.96 -7.27 -12.53
N LYS E 64 40.81 -6.00 -12.16
CA LYS E 64 39.79 -5.16 -12.77
C LYS E 64 40.07 -4.99 -14.26
N GLY E 65 39.02 -5.16 -15.07
CA GLY E 65 39.13 -4.93 -16.50
C GLY E 65 39.21 -6.20 -17.33
N ARG E 66 39.95 -7.20 -16.83
CA ARG E 66 40.16 -8.43 -17.58
C ARG E 66 39.07 -9.45 -17.36
N PHE E 67 38.30 -9.36 -16.27
CA PHE E 67 37.24 -10.29 -15.96
C PHE E 67 35.89 -9.63 -16.23
N THR E 68 34.97 -10.37 -16.83
CA THR E 68 33.62 -9.90 -17.13
C THR E 68 32.63 -10.95 -16.62
N ILE E 69 31.93 -10.65 -15.55
CA ILE E 69 30.98 -11.57 -14.93
C ILE E 69 29.58 -11.20 -15.37
N SER E 70 28.79 -12.20 -15.74
CA SER E 70 27.41 -11.99 -16.17
C SER E 70 26.55 -13.14 -15.64
N ARG E 71 25.24 -12.92 -15.66
CA ARG E 71 24.28 -13.89 -15.13
C ARG E 71 23.21 -14.20 -16.16
N ASP E 72 22.62 -15.38 -16.05
CA ASP E 72 21.53 -15.82 -16.91
C ASP E 72 20.48 -16.47 -16.01
N ASP E 73 19.44 -15.71 -15.68
CA ASP E 73 18.41 -16.18 -14.76
C ASP E 73 17.49 -17.19 -15.44
N PRO E 74 17.07 -16.95 -16.69
CA PRO E 74 16.26 -17.98 -17.38
C PRO E 74 16.89 -19.37 -17.32
N LYS E 75 18.19 -19.47 -17.61
CA LYS E 75 18.89 -20.75 -17.55
C LYS E 75 19.57 -21.00 -16.20
N ASN E 76 19.63 -19.99 -15.33
CA ASN E 76 20.25 -20.11 -14.02
C ASN E 76 21.70 -20.55 -14.15
N THR E 77 22.50 -19.70 -14.78
CA THR E 77 23.91 -19.98 -15.00
C THR E 77 24.72 -18.69 -14.92
N LEU E 78 25.84 -18.74 -14.21
CA LEU E 78 26.73 -17.59 -14.05
C LEU E 78 27.91 -17.76 -14.99
N PHE E 79 28.07 -16.82 -15.92
CA PHE E 79 29.16 -16.84 -16.89
C PHE E 79 30.27 -15.90 -16.43
N LEU E 80 31.51 -16.30 -16.67
CA LEU E 80 32.69 -15.50 -16.33
C LEU E 80 33.63 -15.54 -17.53
N GLN E 81 33.70 -14.44 -18.27
CA GLN E 81 34.62 -14.32 -19.38
C GLN E 81 35.95 -13.76 -18.90
N MET E 82 37.04 -14.35 -19.37
CA MET E 82 38.38 -13.93 -18.99
C MET E 82 39.23 -13.76 -20.23
N THR E 83 39.90 -12.61 -20.33
CA THR E 83 40.74 -12.30 -21.46
C THR E 83 42.08 -11.77 -20.94
N SER E 84 43.14 -12.02 -21.72
CA SER E 84 44.50 -11.62 -21.36
C SER E 84 44.91 -12.23 -20.03
N LEU E 85 44.76 -13.55 -19.95
CA LEU E 85 45.12 -14.27 -18.74
C LEU E 85 46.63 -14.29 -18.55
N ARG E 86 47.09 -13.94 -17.35
CA ARG E 86 48.50 -13.91 -17.02
C ARG E 86 48.88 -15.17 -16.26
N SER E 87 50.16 -15.24 -15.87
CA SER E 87 50.67 -16.39 -15.13
C SER E 87 50.21 -16.42 -13.68
N GLU E 88 49.45 -15.41 -13.23
CA GLU E 88 48.97 -15.36 -11.86
C GLU E 88 47.54 -15.86 -11.72
N ASP E 89 46.81 -16.00 -12.82
CA ASP E 89 45.42 -16.47 -12.77
C ASP E 89 45.31 -17.98 -12.58
N THR E 90 46.42 -18.69 -12.48
CA THR E 90 46.40 -20.14 -12.27
C THR E 90 45.94 -20.42 -10.85
N ALA E 91 44.71 -20.95 -10.71
CA ALA E 91 44.14 -21.19 -9.39
C ALA E 91 42.81 -21.90 -9.57
N MET E 92 42.25 -22.36 -8.45
CA MET E 92 40.95 -23.00 -8.43
C MET E 92 39.89 -21.95 -8.11
N TYR E 93 38.96 -21.74 -9.04
CA TYR E 93 37.91 -20.74 -8.89
C TYR E 93 36.67 -21.39 -8.29
N TYR E 94 36.12 -20.77 -7.25
CA TYR E 94 34.95 -21.28 -6.55
C TYR E 94 33.78 -20.34 -6.77
N CYS E 95 32.62 -20.93 -7.12
CA CYS E 95 31.39 -20.19 -7.36
C CYS E 95 30.56 -20.20 -6.09
N VAL E 96 30.53 -19.07 -5.37
CA VAL E 96 29.91 -19.01 -4.05
C VAL E 96 28.56 -18.32 -4.16
N ARG E 97 27.62 -18.78 -3.34
CA ARG E 97 26.28 -18.22 -3.24
C ARG E 97 26.18 -17.36 -1.98
N SER E 98 25.35 -16.32 -2.03
CA SER E 98 25.18 -15.42 -0.91
C SER E 98 23.82 -14.74 -0.99
N ILE E 99 23.42 -14.14 0.12
CA ILE E 99 22.16 -13.40 0.21
C ILE E 99 22.29 -12.38 1.32
N TYR E 100 21.68 -11.21 1.12
CA TYR E 100 21.83 -10.09 2.05
C TYR E 100 20.46 -9.61 2.49
N TYR E 101 20.22 -9.68 3.80
CA TYR E 101 19.03 -9.10 4.43
C TYR E 101 19.19 -9.25 5.94
N TYR E 102 18.27 -8.65 6.68
CA TYR E 102 18.32 -8.69 8.14
C TYR E 102 18.30 -10.13 8.63
N GLY E 103 19.39 -10.57 9.27
CA GLY E 103 19.50 -11.93 9.74
C GLY E 103 19.99 -12.92 8.71
N SER E 104 20.48 -12.45 7.56
CA SER E 104 20.92 -13.35 6.50
C SER E 104 22.26 -13.99 6.86
N SER E 105 22.60 -15.02 6.09
CA SER E 105 23.86 -15.75 6.24
C SER E 105 24.52 -15.84 4.87
N PRO E 106 25.31 -14.84 4.48
CA PRO E 106 25.96 -14.88 3.17
C PRO E 106 27.06 -15.92 3.12
N PHE E 107 27.44 -16.29 1.89
CA PHE E 107 28.49 -17.27 1.64
C PHE E 107 28.16 -18.63 2.26
N ASP E 108 26.87 -18.98 2.30
CA ASP E 108 26.46 -20.26 2.90
C ASP E 108 27.09 -21.43 2.16
N PHE E 109 26.74 -21.61 0.89
CA PHE E 109 27.16 -22.76 0.10
C PHE E 109 28.24 -22.36 -0.88
N TRP E 110 29.34 -23.11 -0.88
CA TRP E 110 30.45 -22.91 -1.81
C TRP E 110 30.47 -24.05 -2.81
N GLY E 111 30.63 -23.71 -4.09
CA GLY E 111 30.66 -24.71 -5.13
C GLY E 111 31.90 -25.57 -5.05
N GLN E 112 31.87 -26.69 -5.80
CA GLN E 112 33.01 -27.60 -5.82
C GLN E 112 34.25 -26.92 -6.38
N GLY E 113 34.08 -25.98 -7.28
CA GLY E 113 35.19 -25.25 -7.85
C GLY E 113 35.73 -25.91 -9.12
N THR E 114 36.44 -25.10 -9.92
CA THR E 114 37.05 -25.56 -11.15
C THR E 114 38.51 -25.13 -11.17
N THR E 115 39.39 -26.06 -11.53
CA THR E 115 40.83 -25.80 -11.57
C THR E 115 41.21 -25.25 -12.93
N LEU E 116 42.07 -24.23 -12.94
CA LEU E 116 42.54 -23.60 -14.17
C LEU E 116 44.03 -23.32 -14.01
N THR E 117 44.83 -23.87 -14.91
CA THR E 117 46.29 -23.69 -14.89
C THR E 117 46.73 -22.98 -16.16
N VAL E 118 47.56 -21.95 -15.98
CA VAL E 118 48.08 -21.13 -17.08
C VAL E 118 49.55 -21.44 -17.24
N SER E 119 49.92 -21.97 -18.40
CA SER E 119 51.30 -22.31 -18.68
C SER E 119 52.11 -21.04 -18.99
N ALA E 120 53.43 -21.18 -18.95
CA ALA E 120 54.33 -20.06 -19.22
C ALA E 120 55.73 -20.57 -19.53
N ALA E 136 45.22 0.48 0.69
CA ALA E 136 43.84 0.93 0.52
C ALA E 136 42.86 -0.14 0.99
N ASP E 137 43.16 -1.39 0.65
CA ASP E 137 42.30 -2.50 1.03
C ASP E 137 42.50 -2.86 2.50
N ILE E 138 41.48 -3.45 3.09
CA ILE E 138 41.52 -3.86 4.49
C ILE E 138 42.35 -5.14 4.59
N VAL E 139 43.57 -5.02 5.12
CA VAL E 139 44.47 -6.16 5.22
C VAL E 139 44.07 -7.00 6.43
N MET E 140 43.87 -8.30 6.20
CA MET E 140 43.52 -9.25 7.25
C MET E 140 44.80 -9.97 7.68
N THR E 141 45.45 -9.43 8.71
CA THR E 141 46.70 -9.98 9.20
C THR E 141 46.42 -11.26 9.97
N GLN E 142 46.75 -12.40 9.39
CA GLN E 142 46.59 -13.71 10.02
C GLN E 142 47.98 -14.22 10.39
N ALA E 143 48.39 -13.94 11.63
CA ALA E 143 49.72 -14.33 12.07
C ALA E 143 49.84 -15.84 12.20
N THR E 144 48.78 -16.50 12.66
CA THR E 144 48.81 -17.95 12.85
C THR E 144 48.71 -18.65 11.51
N SER E 145 49.67 -19.51 11.21
CA SER E 145 49.71 -20.27 9.96
C SER E 145 49.40 -21.75 10.17
N SER E 146 50.09 -22.39 11.11
CA SER E 146 49.87 -23.81 11.40
C SER E 146 50.20 -24.06 12.85
N VAL E 147 49.32 -24.78 13.54
CA VAL E 147 49.49 -25.09 14.96
C VAL E 147 48.99 -26.51 15.22
N PRO E 148 49.88 -27.49 15.42
CA PRO E 148 49.42 -28.85 15.71
C PRO E 148 48.77 -28.92 17.08
N VAL E 149 47.53 -29.41 17.11
CA VAL E 149 46.76 -29.52 18.35
C VAL E 149 46.24 -30.95 18.48
N THR E 150 46.17 -31.44 19.73
CA THR E 150 45.68 -32.79 19.97
C THR E 150 44.17 -32.80 20.15
N PRO E 151 43.49 -33.88 19.77
CA PRO E 151 42.03 -33.93 19.96
C PRO E 151 41.66 -33.86 21.43
N GLY E 152 40.46 -33.35 21.69
CA GLY E 152 39.95 -33.27 23.04
C GLY E 152 40.35 -32.03 23.82
N GLU E 153 40.97 -31.05 23.16
CA GLU E 153 41.40 -29.83 23.82
C GLU E 153 40.82 -28.63 23.09
N SER E 154 40.76 -27.51 23.80
CA SER E 154 40.23 -26.28 23.21
C SER E 154 41.24 -25.66 22.25
N VAL E 155 40.71 -25.06 21.18
CA VAL E 155 41.52 -24.43 20.15
C VAL E 155 41.10 -22.97 20.04
N SER E 156 42.07 -22.09 19.78
CA SER E 156 41.82 -20.66 19.66
C SER E 156 42.56 -20.14 18.43
N ILE E 157 41.83 -19.54 17.50
CA ILE E 157 42.39 -18.98 16.28
C ILE E 157 42.13 -17.48 16.30
N SER E 158 43.20 -16.70 16.27
CA SER E 158 43.09 -15.24 16.32
C SER E 158 43.01 -14.66 14.92
N CYS E 159 42.45 -13.46 14.83
CA CYS E 159 42.32 -12.73 13.57
C CYS E 159 42.51 -11.25 13.85
N ARG E 160 43.55 -10.67 13.24
CA ARG E 160 43.86 -9.25 13.38
C ARG E 160 43.47 -8.53 12.09
N SER E 161 42.71 -7.45 12.23
CA SER E 161 42.26 -6.65 11.11
C SER E 161 42.96 -5.29 11.11
N SER E 162 43.03 -4.69 9.93
CA SER E 162 43.66 -3.38 9.78
C SER E 162 42.69 -2.25 10.10
N LYS E 163 41.46 -2.34 9.61
CA LYS E 163 40.43 -1.34 9.86
C LYS E 163 39.37 -1.90 10.81
N SER E 164 38.82 -1.01 11.64
CA SER E 164 37.79 -1.40 12.60
C SER E 164 36.54 -1.83 11.85
N LEU E 165 36.22 -3.12 11.90
CA LEU E 165 35.05 -3.65 11.22
C LEU E 165 33.74 -3.33 11.93
N LEU E 166 33.81 -2.77 13.14
CA LEU E 166 32.60 -2.43 13.89
C LEU E 166 31.90 -1.26 13.20
N HIS E 167 30.79 -1.53 12.53
CA HIS E 167 30.05 -0.49 11.83
C HIS E 167 29.16 0.28 12.80
N SER E 168 28.65 1.42 12.32
CA SER E 168 27.84 2.28 13.19
C SER E 168 26.60 1.56 13.70
N ASN E 169 25.94 0.78 12.83
CA ASN E 169 24.73 0.09 13.25
C ASN E 169 25.00 -0.90 14.37
N GLY E 170 26.21 -1.46 14.42
CA GLY E 170 26.60 -2.33 15.52
C GLY E 170 27.07 -3.71 15.10
N ASN E 171 26.43 -4.30 14.09
CA ASN E 171 26.77 -5.65 13.67
C ASN E 171 28.12 -5.63 12.95
N THR E 172 29.12 -6.26 13.57
CA THR E 172 30.44 -6.34 12.97
C THR E 172 30.46 -7.42 11.90
N TYR E 173 30.98 -7.07 10.72
CA TYR E 173 30.98 -7.98 9.57
C TYR E 173 32.33 -8.70 9.53
N LEU E 174 32.32 -9.98 9.86
CA LEU E 174 33.52 -10.81 9.79
C LEU E 174 33.10 -12.26 9.73
N TYR E 175 33.58 -12.98 8.72
CA TYR E 175 33.16 -14.35 8.44
C TYR E 175 34.32 -15.31 8.64
N TRP E 176 34.07 -16.39 9.37
CA TRP E 176 35.01 -17.49 9.52
C TRP E 176 34.57 -18.66 8.65
N PHE E 177 35.46 -19.11 7.79
CA PHE E 177 35.21 -20.25 6.91
C PHE E 177 36.20 -21.36 7.22
N LEU E 178 35.80 -22.59 6.93
CA LEU E 178 36.64 -23.77 7.15
C LEU E 178 36.70 -24.59 5.88
N GLN E 179 37.92 -24.94 5.46
CA GLN E 179 38.14 -25.73 4.25
C GLN E 179 38.85 -27.02 4.62
N ARG E 180 38.20 -28.14 4.34
CA ARG E 180 38.78 -29.44 4.63
C ARG E 180 39.68 -29.89 3.49
N PRO E 181 40.66 -30.76 3.76
CA PRO E 181 41.55 -31.23 2.69
C PRO E 181 40.77 -31.95 1.59
N GLY E 182 40.88 -31.43 0.38
CA GLY E 182 40.23 -32.04 -0.77
C GLY E 182 38.76 -31.75 -0.91
N GLN E 183 38.21 -30.85 -0.09
CA GLN E 183 36.80 -30.49 -0.15
C GLN E 183 36.66 -28.98 -0.27
N SER E 184 35.47 -28.54 -0.64
CA SER E 184 35.20 -27.12 -0.77
C SER E 184 34.91 -26.50 0.60
N PRO E 185 35.31 -25.24 0.81
CA PRO E 185 35.05 -24.60 2.11
C PRO E 185 33.56 -24.46 2.37
N GLN E 186 33.24 -24.16 3.63
CA GLN E 186 31.87 -23.96 4.06
C GLN E 186 31.82 -22.84 5.08
N LEU E 187 30.65 -22.23 5.20
CA LEU E 187 30.47 -21.14 6.15
C LEU E 187 30.47 -21.69 7.57
N LEU E 188 31.52 -21.38 8.34
CA LEU E 188 31.60 -21.81 9.72
C LEU E 188 30.84 -20.85 10.65
N ILE E 189 31.12 -19.56 10.52
CA ILE E 189 30.45 -18.54 11.31
C ILE E 189 30.32 -17.27 10.47
N TYR E 190 29.18 -16.60 10.58
CA TYR E 190 28.94 -15.32 9.91
C TYR E 190 28.62 -14.27 10.96
N ARG E 191 29.31 -13.13 10.89
CA ARG E 191 29.21 -12.02 11.84
C ARG E 191 29.76 -12.38 13.21
N MET E 192 30.41 -13.52 13.36
CA MET E 192 31.10 -13.96 14.58
C MET E 192 30.14 -14.16 15.76
N SER E 193 28.83 -13.99 15.54
CA SER E 193 27.87 -14.15 16.63
C SER E 193 26.64 -14.96 16.24
N ASN E 194 26.60 -15.53 15.03
CA ASN E 194 25.45 -16.31 14.58
C ASN E 194 25.96 -17.50 13.80
N LEU E 195 25.61 -18.71 14.25
CA LEU E 195 26.03 -19.92 13.58
C LEU E 195 25.17 -20.20 12.36
N ALA E 196 25.78 -20.81 11.34
CA ALA E 196 25.06 -21.15 10.13
C ALA E 196 24.32 -22.47 10.31
N SER E 197 23.25 -22.63 9.54
CA SER E 197 22.43 -23.84 9.60
C SER E 197 23.25 -25.03 9.13
N GLY E 198 23.62 -25.91 10.05
CA GLY E 198 24.41 -27.09 9.75
C GLY E 198 25.73 -27.18 10.47
N VAL E 199 26.11 -26.19 11.26
CA VAL E 199 27.38 -26.19 11.99
C VAL E 199 27.11 -26.64 13.43
N PRO E 200 27.89 -27.55 13.99
CA PRO E 200 27.62 -28.00 15.36
C PRO E 200 27.88 -26.88 16.37
N ASP E 201 27.32 -27.04 17.57
CA ASP E 201 27.45 -26.00 18.62
C ASP E 201 28.78 -26.07 19.35
N ARG E 202 29.87 -26.02 18.61
CA ARG E 202 31.22 -26.12 19.15
C ARG E 202 32.13 -24.98 18.72
N PHE E 203 31.65 -24.05 17.90
CA PHE E 203 32.45 -22.93 17.39
C PHE E 203 31.84 -21.64 17.91
N SER E 204 32.59 -20.90 18.72
CA SER E 204 32.16 -19.61 19.25
C SER E 204 33.07 -18.51 18.73
N GLY E 205 32.53 -17.31 18.59
CA GLY E 205 33.28 -16.16 18.11
C GLY E 205 33.21 -15.02 19.11
N SER E 206 34.34 -14.33 19.29
CA SER E 206 34.40 -13.19 20.20
C SER E 206 35.30 -12.14 19.57
N GLY E 207 34.75 -10.95 19.31
CA GLY E 207 35.52 -9.92 18.63
C GLY E 207 35.26 -8.52 19.16
N SER E 208 36.32 -7.73 19.27
CA SER E 208 36.23 -6.34 19.71
C SER E 208 37.16 -5.51 18.85
N GLY E 209 36.65 -4.39 18.33
CA GLY E 209 37.45 -3.49 17.52
C GLY E 209 38.04 -4.18 16.31
N THR E 210 39.36 -4.39 16.34
CA THR E 210 40.07 -5.06 15.25
C THR E 210 40.49 -6.48 15.58
N ALA E 211 40.39 -6.89 16.86
CA ALA E 211 40.78 -8.23 17.27
C ALA E 211 39.57 -9.15 17.23
N PHE E 212 39.78 -10.39 16.80
CA PHE E 212 38.73 -11.39 16.79
C PHE E 212 39.34 -12.75 17.15
N THR E 213 38.52 -13.64 17.71
CA THR E 213 38.98 -14.96 18.10
C THR E 213 37.88 -15.98 17.91
N LEU E 214 38.25 -17.10 17.29
CA LEU E 214 37.36 -18.25 17.11
C LEU E 214 37.81 -19.34 18.07
N THR E 215 36.89 -19.78 18.93
CA THR E 215 37.17 -20.78 19.95
C THR E 215 36.41 -22.06 19.63
N ILE E 216 37.13 -23.17 19.64
CA ILE E 216 36.57 -24.50 19.42
C ILE E 216 36.72 -25.29 20.71
N SER E 217 35.58 -25.67 21.31
CA SER E 217 35.61 -26.38 22.58
C SER E 217 36.19 -27.78 22.42
N ARG E 218 35.56 -28.60 21.59
CA ARG E 218 35.99 -29.98 21.36
C ARG E 218 36.35 -30.13 19.88
N LEU E 219 37.59 -30.55 19.63
CA LEU E 219 38.05 -30.75 18.26
C LEU E 219 37.63 -32.12 17.75
N GLU E 220 37.17 -32.17 16.51
CA GLU E 220 36.71 -33.40 15.88
C GLU E 220 37.45 -33.61 14.56
N ALA E 221 37.29 -34.81 14.00
CA ALA E 221 37.95 -35.12 12.74
C ALA E 221 37.41 -34.26 11.60
N GLU E 222 36.12 -33.94 11.62
CA GLU E 222 35.55 -33.12 10.56
C GLU E 222 36.04 -31.68 10.64
N ASP E 223 36.46 -31.23 11.82
CA ASP E 223 36.94 -29.86 11.98
C ASP E 223 38.34 -29.67 11.41
N VAL E 224 39.02 -30.73 10.98
CA VAL E 224 40.36 -30.61 10.44
C VAL E 224 40.30 -29.84 9.14
N GLY E 225 41.05 -28.75 9.06
CA GLY E 225 41.07 -27.94 7.85
C GLY E 225 41.76 -26.61 8.11
N VAL E 226 41.64 -25.73 7.12
CA VAL E 226 42.21 -24.39 7.17
C VAL E 226 41.10 -23.42 7.49
N TYR E 227 41.37 -22.49 8.40
CA TYR E 227 40.39 -21.48 8.81
C TYR E 227 40.73 -20.15 8.14
N TYR E 228 39.72 -19.53 7.53
CA TYR E 228 39.87 -18.28 6.82
C TYR E 228 39.02 -17.20 7.48
N CYS E 229 39.64 -16.06 7.78
CA CYS E 229 38.97 -14.92 8.41
C CYS E 229 38.84 -13.82 7.36
N MET E 230 37.62 -13.65 6.83
CA MET E 230 37.37 -12.71 5.74
C MET E 230 36.41 -11.64 6.20
N GLN E 231 36.82 -10.38 6.08
CA GLN E 231 35.99 -9.25 6.47
C GLN E 231 35.08 -8.85 5.32
N HIS E 232 33.87 -8.40 5.67
CA HIS E 232 32.87 -7.98 4.69
C HIS E 232 32.40 -6.55 4.98
N LEU E 233 33.35 -5.68 5.36
CA LEU E 233 33.03 -4.28 5.59
C LEU E 233 33.01 -3.49 4.28
N GLU E 234 34.08 -3.61 3.48
CA GLU E 234 34.16 -2.99 2.18
C GLU E 234 34.23 -4.08 1.12
N TYR E 235 33.61 -3.81 -0.02
CA TYR E 235 33.49 -4.80 -1.09
C TYR E 235 34.85 -5.30 -1.58
N PRO E 236 35.93 -4.53 -1.43
CA PRO E 236 37.26 -5.09 -1.72
C PRO E 236 37.63 -6.14 -0.69
N LEU E 237 37.00 -7.32 -0.79
CA LEU E 237 37.15 -8.35 0.21
C LEU E 237 38.56 -8.94 0.19
N THR E 238 39.13 -9.14 1.37
CA THR E 238 40.43 -9.78 1.53
C THR E 238 40.31 -10.92 2.53
N PHE E 239 40.77 -12.10 2.12
CA PHE E 239 40.71 -13.29 2.95
C PHE E 239 41.97 -13.37 3.82
N GLY E 240 42.02 -14.40 4.66
CA GLY E 240 43.14 -14.62 5.56
C GLY E 240 44.18 -15.55 4.97
N ALA E 241 45.22 -15.79 5.77
CA ALA E 241 46.30 -16.67 5.33
C ALA E 241 45.93 -18.13 5.51
N GLY E 242 45.36 -18.49 6.65
CA GLY E 242 44.95 -19.86 6.90
C GLY E 242 45.53 -20.42 8.19
N THR E 243 44.77 -21.28 8.86
CA THR E 243 45.20 -21.93 10.10
C THR E 243 44.89 -23.42 9.97
N LYS E 244 45.91 -24.22 9.66
CA LYS E 244 45.74 -25.65 9.45
C LYS E 244 45.85 -26.40 10.77
N LEU E 245 45.00 -27.41 10.93
CA LEU E 245 44.99 -28.24 12.13
C LEU E 245 45.11 -29.71 11.72
N GLU E 246 45.27 -30.57 12.73
CA GLU E 246 45.40 -31.99 12.51
C GLU E 246 44.61 -32.74 13.59
N LEU E 247 44.32 -34.01 13.30
CA LEU E 247 43.56 -34.85 14.23
C LEU E 247 44.26 -35.59 15.36
#